data_7DMQ
#
_entry.id   7DMQ
#
_cell.length_a   1.00
_cell.length_b   1.00
_cell.length_c   1.00
_cell.angle_alpha   90.00
_cell.angle_beta   90.00
_cell.angle_gamma   90.00
#
_symmetry.space_group_name_H-M   'P 1'
#
loop_
_entity.id
_entity.type
_entity.pdbx_description
1 polymer 'CRISPR/Cas system Cas13a'
2 polymer 'CRISPR RNA'
3 polymer 'Anti-tag target RNA'
#
loop_
_entity_poly.entity_id
_entity_poly.type
_entity_poly.pdbx_seq_one_letter_code
_entity_poly.pdbx_strand_id
1 'polypeptide(L)'
;GSMGNLFGHKRWYEVRDKKDFKIKRKVKVKRNYDGNKYILNINENNNKEKIDNNKFIRKYINYKKNDNILKEFTRKFHAG
NILFKLKGKEGIIRIENNDDFLETEEVVLYIEAYGKSEKLKALGITKKKIIDEAIRQGITKDDKKIEIKRQENEEEIEID
IRDEYTNKTLNDCSIILRIIENDELETKKSIYEIFKNINMSLYKIIEKIIENETEKVFENRYYEEHLREKLLKDDKIDVI
LTNFMEIREKIKSNLEILGFVKFYLNVGGDKKKSKNKKMLVEKILNINVDLTVEDIADFVIKELEFWNITKRIEKVKKVN
NEFLEKRRNRTYIKSYVLLDKHEKFKIERENKKDKIVKFFVENIKNNSIKEKIEKILAEFKIDELIKKLEKELKKGNCDT
EIFGIFKKHYKVNFDSKKFSKKSDEEKELYKIIYRYLKGRIEKILVNEQKVRLKKMEKIEIEKILNESILSEKILKRVKQ
YTLEHIMYLGKLRHNDIDMTTVNTDDFSRLHAKEELDLELITFFASTNMELNKIFSRENINNDENIDFFGGDREKNYVLD
KKILNSKIKIIRDLDFIDNKNNITNNFIRKFTKIGTNERNRILHAISKERDLQGTQDDYNKVINIIQNLKISDEEVSKAL
NLDVVFKDKKNIITKINDIKISEENNNDIKYLPSFSKVLPEILNLYRNNPKNEPFDTIETEKIVLNALIYVNKELYKKLI
LEDDLEENESKNIFLQELKKTLGNIDEIDENIIENYYKNAQISASKGNNKAIKKYQKKVIECYIGYLRKNYEELFDFSDF
KMNIQEIKKQIKDINDNKTYERITVKTSDKTIVINDDFEYIISIFALLNSNAVINKIRNRFFATSVWLNTSEYQNIIDIL
DEIMQLNTLRNECITENWNLNLEEFIQKMKEIEKDFDDFKIQTKKEIFNNYYEDIKNNILTEFKDDINGCDVLEKKLEKI
VIFDDETKFEIDKKSNILQDEQRKLSNINKKDLKKKVDQYIKDKDQEIKSKILCRIIFNSDFLKKYKKEIDNLIEDMESE
NENKFQEIYYPKERKNELYIYKKNLFLNIGNPNFDKIYGLISNDIKMADAKFLFNIDGKNIRKNKISEIDAILKNLNDKL
NGYSKEYKEKYIKKLKENDDFFAKNIQNKNYKSFEKDYNRVSEYKKIRDLVEFNYLNKIESYLIDINWKLAIQMARFERD
MHYIVNGLRELGIIKLSGYNTGISRAYPKRNGSDGFYTTTAYYKFFDEESYKKFEKICYGFGIDLSENSEINKPENESIR
NYISHFYIVRNPFADYSIAEQIDRVSNLLSYSTRYNNSTYASVFEVFKKDVNLDYDELKKKFKLIGNNDILERLMKPKKV
SVLELESYNSDYIKNLIIELLTKIENTNDTL
;
A
2 'polyribonucleotide' GGCCACCCCAAUAUCGAAGGGGACUAAAACUAGAUUGCUGUUCUACCAAGUAAUCCAU B
3 'polyribonucleotide' GAUGGAUUACUUGGUAGAACAGCAAUCUAGUUUUAGU C
#
# COMPACT_ATOMS: atom_id res chain seq x y z
N GLU A 343 22.50 -2.35 23.51
CA GLU A 343 23.38 -2.87 24.55
C GLU A 343 23.27 -2.00 25.79
N LYS A 344 22.09 -1.42 26.00
CA LYS A 344 21.86 -0.46 27.08
C LYS A 344 21.22 -1.09 28.32
N PHE A 345 20.12 -1.82 28.14
CA PHE A 345 19.23 -2.11 29.27
C PHE A 345 19.74 -3.26 30.14
N LYS A 346 20.06 -4.39 29.52
CA LYS A 346 20.29 -5.63 30.27
C LYS A 346 21.74 -5.79 30.75
N ILE A 347 22.48 -4.69 30.89
CA ILE A 347 23.74 -4.67 31.62
C ILE A 347 23.70 -3.63 32.74
N GLU A 348 22.50 -3.18 33.08
CA GLU A 348 22.28 -2.03 33.96
C GLU A 348 20.83 -2.15 34.45
N ARG A 349 20.35 -1.12 35.15
CA ARG A 349 18.95 -0.97 35.59
C ARG A 349 18.53 -2.07 36.57
N GLU A 350 19.47 -2.47 37.42
CA GLU A 350 19.17 -3.43 38.50
C GLU A 350 18.53 -2.68 39.66
N ASN A 351 17.27 -2.29 39.43
CA ASN A 351 16.49 -1.37 40.29
C ASN A 351 17.23 -0.07 40.52
N LYS A 352 17.95 0.40 39.50
CA LYS A 352 18.74 1.62 39.62
C LYS A 352 18.33 2.67 38.61
N LYS A 353 18.06 2.29 37.36
CA LYS A 353 17.43 3.24 36.43
C LYS A 353 15.99 3.52 36.85
N ASP A 354 15.34 2.55 37.49
CA ASP A 354 13.96 2.72 37.95
C ASP A 354 13.86 3.82 39.00
N LYS A 355 14.81 3.88 39.93
CA LYS A 355 14.81 4.91 40.96
C LYS A 355 15.31 6.26 40.45
N ILE A 356 15.77 6.34 39.21
CA ILE A 356 16.09 7.61 38.58
C ILE A 356 14.92 8.14 37.76
N VAL A 357 14.23 7.24 37.04
CA VAL A 357 13.02 7.61 36.32
C VAL A 357 11.92 7.98 37.31
N LYS A 358 11.82 7.25 38.43
CA LYS A 358 10.85 7.55 39.47
C LYS A 358 11.15 8.88 40.17
N PHE A 359 12.39 9.34 40.09
CA PHE A 359 12.80 10.65 40.58
C PHE A 359 12.42 11.74 39.58
N PHE A 360 12.77 11.53 38.30
CA PHE A 360 12.53 12.53 37.26
C PHE A 360 11.05 12.76 37.00
N VAL A 361 10.20 11.74 37.15
CA VAL A 361 8.78 11.92 36.88
C VAL A 361 8.16 12.84 37.92
N GLU A 362 8.34 12.53 39.20
CA GLU A 362 7.76 13.38 40.24
C GLU A 362 8.57 14.63 40.50
N ASN A 363 9.66 14.88 39.75
CA ASN A 363 10.27 16.19 39.77
C ASN A 363 9.99 17.04 38.53
N ILE A 364 9.62 16.43 37.40
CA ILE A 364 9.02 17.19 36.31
C ILE A 364 7.60 17.61 36.69
N LYS A 365 6.91 16.76 37.46
CA LYS A 365 5.58 17.10 37.97
C LYS A 365 5.62 18.32 38.88
N ASN A 366 6.64 18.43 39.72
CA ASN A 366 6.79 19.56 40.64
C ASN A 366 7.57 20.71 40.05
N ASN A 367 7.96 20.62 38.76
CA ASN A 367 8.58 21.69 37.99
C ASN A 367 9.90 22.18 38.59
N SER A 368 10.84 21.24 38.72
CA SER A 368 12.11 21.54 39.35
C SER A 368 13.32 21.41 38.43
N ILE A 369 13.21 20.64 37.34
CA ILE A 369 14.34 20.44 36.45
C ILE A 369 14.66 21.73 35.70
N LYS A 370 13.65 22.53 35.38
CA LYS A 370 13.91 23.84 34.77
C LYS A 370 14.55 24.88 35.76
N GLU A 371 14.93 24.51 36.97
CA GLU A 371 15.85 25.27 37.82
C GLU A 371 17.13 24.51 38.11
N LYS A 372 17.00 23.18 38.27
CA LYS A 372 18.16 22.32 38.47
C LYS A 372 19.13 22.39 37.30
N ILE A 373 18.60 22.52 36.08
CA ILE A 373 19.45 22.44 34.90
C ILE A 373 20.33 23.67 34.77
N GLU A 374 19.85 24.86 35.16
CA GLU A 374 20.74 26.01 35.06
C GLU A 374 21.59 26.20 36.32
N LYS A 375 21.13 25.77 37.49
CA LYS A 375 22.05 25.79 38.63
C LYS A 375 23.15 24.74 38.49
N ILE A 376 22.93 23.70 37.69
CA ILE A 376 23.98 22.75 37.36
C ILE A 376 24.85 23.25 36.21
N LEU A 377 24.24 23.86 35.20
CA LEU A 377 24.99 24.24 34.01
C LEU A 377 25.73 25.56 34.17
N ALA A 378 25.43 26.33 35.22
CA ALA A 378 26.27 27.47 35.55
C ALA A 378 27.63 27.04 36.06
N GLU A 379 27.72 25.82 36.61
CA GLU A 379 29.01 25.29 37.03
C GLU A 379 29.91 25.02 35.83
N PHE A 380 29.33 24.66 34.70
CA PHE A 380 30.06 24.69 33.44
C PHE A 380 30.41 26.12 33.10
N LYS A 381 31.69 26.42 32.97
CA LYS A 381 32.13 27.74 32.53
C LYS A 381 32.32 27.71 31.02
N ILE A 382 31.67 28.63 30.32
CA ILE A 382 31.69 28.68 28.87
C ILE A 382 32.28 30.05 28.54
N ASP A 383 32.41 30.36 27.26
CA ASP A 383 32.77 31.60 26.56
C ASP A 383 34.25 31.94 26.63
N GLU A 384 35.07 31.17 27.35
CA GLU A 384 36.50 31.13 27.10
C GLU A 384 36.93 29.88 26.36
N LEU A 385 36.20 28.78 26.55
CA LEU A 385 36.36 27.62 25.69
C LEU A 385 36.03 27.98 24.25
N ILE A 386 35.03 28.84 24.05
CA ILE A 386 34.70 29.34 22.71
C ILE A 386 35.86 30.14 22.14
N LYS A 387 36.56 30.89 23.00
CA LYS A 387 37.71 31.67 22.54
C LYS A 387 38.88 30.78 22.13
N LYS A 388 39.20 29.76 22.93
CA LYS A 388 40.29 28.88 22.54
C LYS A 388 39.89 27.96 21.39
N LEU A 389 38.60 27.67 21.21
CA LEU A 389 38.15 27.03 19.98
C LEU A 389 38.36 27.93 18.78
N GLU A 390 38.15 29.25 18.96
CA GLU A 390 38.42 30.19 17.89
C GLU A 390 39.91 30.26 17.56
N LYS A 391 40.76 30.14 18.59
CA LYS A 391 42.20 30.14 18.34
C LYS A 391 42.65 28.86 17.64
N GLU A 392 42.04 27.71 17.96
CA GLU A 392 42.48 26.51 17.26
C GLU A 392 41.88 26.42 15.86
N LEU A 393 40.67 26.94 15.63
CA LEU A 393 40.15 26.97 14.27
C LEU A 393 40.78 28.07 13.44
N LYS A 394 41.51 29.00 14.06
CA LYS A 394 42.33 29.94 13.32
C LYS A 394 43.46 29.24 12.57
N LYS A 395 43.88 28.07 13.05
CA LYS A 395 44.75 27.21 12.26
C LYS A 395 43.97 26.49 11.18
N GLY A 396 42.70 26.17 11.44
CA GLY A 396 41.91 25.39 10.51
C GLY A 396 42.16 23.91 10.65
N ASN A 397 41.89 23.37 11.83
CA ASN A 397 42.27 21.99 12.16
C ASN A 397 41.18 21.00 11.78
N CYS A 398 40.02 21.09 12.46
CA CYS A 398 38.81 20.28 12.19
C CYS A 398 39.11 18.78 12.28
N ASP A 399 39.87 18.39 13.28
CA ASP A 399 40.39 17.03 13.34
C ASP A 399 40.55 16.63 14.81
N THR A 400 41.42 15.65 15.05
CA THR A 400 41.59 14.92 16.30
C THR A 400 42.36 15.70 17.39
N GLU A 401 42.46 17.03 17.32
CA GLU A 401 43.15 17.79 18.34
C GLU A 401 42.23 18.71 19.14
N ILE A 402 40.92 18.58 18.96
CA ILE A 402 39.96 19.56 19.45
C ILE A 402 39.20 19.05 20.68
N PHE A 403 38.80 17.78 20.65
CA PHE A 403 38.11 17.21 21.79
C PHE A 403 39.02 17.06 23.00
N GLY A 404 40.33 16.98 22.78
CA GLY A 404 41.26 17.10 23.89
C GLY A 404 41.23 18.47 24.54
N ILE A 405 41.06 19.52 23.73
CA ILE A 405 40.95 20.88 24.26
C ILE A 405 39.65 21.02 25.05
N PHE A 406 38.57 20.43 24.54
CA PHE A 406 37.28 20.48 25.25
C PHE A 406 37.34 19.70 26.56
N LYS A 407 37.95 18.51 26.55
CA LYS A 407 38.07 17.74 27.78
C LYS A 407 39.06 18.38 28.75
N LYS A 408 40.06 19.11 28.24
CA LYS A 408 40.97 19.82 29.13
C LYS A 408 40.27 20.97 29.83
N HIS A 409 39.42 21.70 29.11
CA HIS A 409 38.64 22.75 29.76
C HIS A 409 37.61 22.17 30.71
N TYR A 410 37.11 20.96 30.40
CA TYR A 410 36.24 20.23 31.33
C TYR A 410 36.99 19.85 32.60
N LYS A 411 38.25 19.44 32.46
CA LYS A 411 39.08 19.14 33.62
C LYS A 411 39.38 20.38 34.44
N VAL A 412 39.49 21.53 33.78
CA VAL A 412 39.62 22.79 34.50
C VAL A 412 38.36 23.09 35.31
N ASN A 413 37.19 22.94 34.68
CA ASN A 413 35.95 23.24 35.39
C ASN A 413 35.54 22.11 36.32
N PHE A 414 35.24 20.94 35.76
CA PHE A 414 34.77 19.83 36.56
C PHE A 414 35.95 19.12 37.21
N ASP A 415 35.77 18.73 38.47
CA ASP A 415 36.79 17.99 39.20
C ASP A 415 36.81 16.55 38.67
N SER A 416 37.83 16.24 37.86
CA SER A 416 37.98 14.85 37.39
C SER A 416 38.33 13.92 38.54
N LYS A 417 39.07 14.42 39.54
CA LYS A 417 39.18 13.71 40.80
C LYS A 417 37.83 13.74 41.51
N LYS A 418 37.55 12.66 42.24
CA LYS A 418 36.25 12.52 42.93
C LYS A 418 36.24 13.45 44.14
N PHE A 419 35.89 14.71 43.88
CA PHE A 419 35.86 15.72 44.93
C PHE A 419 34.55 15.74 45.70
N SER A 420 33.51 15.08 45.20
CA SER A 420 32.18 15.20 45.77
C SER A 420 31.53 13.83 45.89
N LYS A 421 30.33 13.82 46.48
CA LYS A 421 29.60 12.60 46.82
C LYS A 421 28.17 12.67 46.30
N LYS A 422 28.02 13.00 45.02
CA LYS A 422 26.70 13.22 44.45
C LYS A 422 26.00 11.90 44.17
N SER A 423 24.67 11.94 44.23
CA SER A 423 23.85 10.76 43.98
C SER A 423 23.82 10.43 42.49
N ASP A 424 23.21 9.27 42.17
CA ASP A 424 23.24 8.77 40.79
C ASP A 424 22.39 9.63 39.87
N GLU A 425 21.36 10.28 40.39
CA GLU A 425 20.47 11.08 39.56
C GLU A 425 21.18 12.32 39.03
N GLU A 426 21.81 13.07 39.93
CA GLU A 426 22.50 14.29 39.54
C GLU A 426 23.74 13.97 38.70
N LYS A 427 24.36 12.82 38.94
CA LYS A 427 25.44 12.35 38.08
C LYS A 427 24.91 12.00 36.69
N GLU A 428 23.68 11.50 36.60
CA GLU A 428 23.14 11.29 35.26
C GLU A 428 22.70 12.57 34.57
N LEU A 429 22.32 13.60 35.33
CA LEU A 429 22.14 14.92 34.71
C LEU A 429 23.46 15.43 34.14
N TYR A 430 24.56 15.26 34.90
CA TYR A 430 25.90 15.53 34.39
C TYR A 430 26.20 14.72 33.13
N LYS A 431 25.82 13.45 33.13
CA LYS A 431 26.04 12.56 32.00
C LYS A 431 25.33 13.05 30.75
N ILE A 432 24.04 13.38 30.89
CA ILE A 432 23.22 13.82 29.77
C ILE A 432 23.73 15.16 29.23
N ILE A 433 24.08 16.09 30.12
CA ILE A 433 24.56 17.40 29.66
C ILE A 433 25.92 17.28 28.99
N TYR A 434 26.82 16.47 29.54
CA TYR A 434 28.15 16.35 28.96
C TYR A 434 28.13 15.62 27.62
N ARG A 435 27.33 14.55 27.51
CA ARG A 435 27.23 13.85 26.23
C ARG A 435 26.47 14.67 25.20
N TYR A 436 25.51 15.48 25.62
CA TYR A 436 24.81 16.36 24.69
C TYR A 436 25.72 17.47 24.18
N LEU A 437 26.56 18.01 25.05
CA LEU A 437 27.55 19.00 24.61
C LEU A 437 28.61 18.36 23.71
N LYS A 438 28.94 17.10 23.94
CA LYS A 438 29.84 16.37 23.05
C LYS A 438 29.23 16.20 21.67
N GLY A 439 27.94 15.86 21.62
CA GLY A 439 27.26 15.75 20.33
C GLY A 439 27.13 17.07 19.61
N ARG A 440 26.86 18.14 20.37
CA ARG A 440 26.79 19.46 19.74
C ARG A 440 28.16 19.93 19.25
N ILE A 441 29.23 19.60 19.96
CA ILE A 441 30.53 20.08 19.49
C ILE A 441 31.04 19.24 18.33
N GLU A 442 30.66 17.95 18.24
CA GLU A 442 31.03 17.21 17.02
C GLU A 442 30.18 17.65 15.83
N LYS A 443 28.92 18.04 16.06
CA LYS A 443 28.12 18.55 14.96
C LYS A 443 28.57 19.96 14.57
N ILE A 444 29.09 20.75 15.51
CA ILE A 444 29.60 22.05 15.12
C ILE A 444 30.98 21.93 14.48
N LEU A 445 31.71 20.84 14.72
CA LEU A 445 32.95 20.63 13.97
C LEU A 445 32.68 20.15 12.55
N VAL A 446 31.62 19.34 12.36
CA VAL A 446 31.28 19.01 10.97
C VAL A 446 30.63 20.21 10.28
N ASN A 447 30.02 21.13 11.05
CA ASN A 447 29.57 22.39 10.47
C ASN A 447 30.75 23.27 10.09
N GLU A 448 31.81 23.29 10.90
CA GLU A 448 33.01 24.06 10.56
C GLU A 448 33.75 23.43 9.39
N GLN A 449 33.58 22.12 9.18
CA GLN A 449 33.97 21.53 7.91
C GLN A 449 33.09 22.06 6.78
N LYS A 450 31.79 22.23 7.04
CA LYS A 450 30.84 22.62 6.00
C LYS A 450 30.66 24.14 5.88
N VAL A 451 31.68 24.92 6.24
CA VAL A 451 31.73 26.34 5.89
C VAL A 451 32.90 26.65 4.96
N ARG A 452 33.79 25.69 4.72
CA ARG A 452 34.94 25.91 3.87
C ARG A 452 35.03 24.96 2.69
N LEU A 453 34.08 24.03 2.56
CA LEU A 453 34.01 23.17 1.39
C LEU A 453 33.19 23.87 0.30
N LYS A 454 32.74 23.11 -0.71
CA LYS A 454 32.15 23.70 -1.91
C LYS A 454 30.78 24.35 -1.66
N LYS A 455 30.14 24.09 -0.52
CA LYS A 455 28.97 24.86 -0.11
C LYS A 455 29.24 25.44 1.27
N MET A 456 28.78 26.68 1.47
CA MET A 456 29.19 27.47 2.63
C MET A 456 28.03 27.78 3.56
N GLU A 457 27.21 26.78 3.89
CA GLU A 457 26.18 26.93 4.91
C GLU A 457 26.81 27.26 6.24
N LYS A 458 26.61 28.49 6.72
CA LYS A 458 27.38 29.02 7.83
C LYS A 458 26.62 28.88 9.15
N ILE A 459 27.35 28.45 10.18
CA ILE A 459 26.86 28.47 11.55
C ILE A 459 28.03 28.89 12.45
N GLU A 460 28.04 30.16 12.84
CA GLU A 460 29.12 30.67 13.65
C GLU A 460 28.93 30.22 15.10
N ILE A 461 30.06 29.99 15.78
CA ILE A 461 30.05 29.34 17.10
C ILE A 461 29.46 30.29 18.15
N GLU A 462 29.98 31.51 18.22
CA GLU A 462 29.46 32.51 19.15
C GLU A 462 28.08 33.03 18.78
N LYS A 463 27.59 32.72 17.58
CA LYS A 463 26.26 33.13 17.16
C LYS A 463 25.16 32.41 17.92
N ILE A 464 25.45 31.25 18.50
CA ILE A 464 24.46 30.45 19.20
C ILE A 464 24.99 30.23 20.62
N LEU A 465 24.48 31.00 21.58
CA LEU A 465 24.70 30.76 23.00
C LEU A 465 23.42 30.52 23.77
N ASN A 466 22.46 31.45 23.69
CA ASN A 466 21.23 31.38 24.49
C ASN A 466 20.24 30.51 23.73
N GLU A 467 20.42 29.20 23.92
CA GLU A 467 19.79 28.19 23.10
C GLU A 467 19.59 26.93 23.93
N SER A 468 19.52 25.78 23.25
CA SER A 468 19.61 24.49 23.92
C SER A 468 20.89 24.31 24.73
N ILE A 469 21.94 25.08 24.44
CA ILE A 469 23.11 25.15 25.31
C ILE A 469 22.72 25.53 26.73
N LEU A 470 21.99 26.64 26.88
CA LEU A 470 21.53 27.05 28.20
C LEU A 470 20.50 26.06 28.76
N SER A 471 19.26 26.13 28.27
CA SER A 471 18.26 25.09 28.47
C SER A 471 17.14 25.32 27.46
N GLU A 472 17.17 24.62 26.33
CA GLU A 472 15.95 24.50 25.55
C GLU A 472 15.59 23.04 25.31
N LYS A 473 16.53 22.29 24.74
CA LYS A 473 16.27 20.94 24.29
C LYS A 473 16.78 19.87 25.24
N ILE A 474 17.59 20.25 26.23
CA ILE A 474 18.07 19.26 27.19
C ILE A 474 16.93 18.84 28.11
N LEU A 475 15.99 19.75 28.37
CA LEU A 475 14.75 19.36 29.03
C LEU A 475 13.95 18.40 28.17
N LYS A 476 13.91 18.65 26.85
CA LYS A 476 13.30 17.71 25.93
C LYS A 476 14.05 16.39 25.89
N ARG A 477 15.38 16.43 26.07
CA ARG A 477 16.19 15.22 26.11
C ARG A 477 15.88 14.37 27.35
N VAL A 478 15.75 15.02 28.51
CA VAL A 478 15.39 14.32 29.73
C VAL A 478 13.98 13.75 29.65
N LYS A 479 13.07 14.52 29.04
CA LYS A 479 11.70 14.04 28.85
C LYS A 479 11.65 12.85 27.90
N GLN A 480 12.46 12.86 26.85
CA GLN A 480 12.49 11.75 25.91
C GLN A 480 13.10 10.51 26.53
N TYR A 481 14.15 10.69 27.36
CA TYR A 481 14.76 9.60 28.10
C TYR A 481 13.76 8.93 29.03
N THR A 482 13.09 9.72 29.87
CA THR A 482 12.12 9.18 30.81
C THR A 482 10.92 8.57 30.10
N LEU A 483 10.50 9.17 28.98
CA LEU A 483 9.35 8.66 28.25
C LEU A 483 9.66 7.34 27.57
N GLU A 484 10.87 7.22 27.00
CA GLU A 484 11.28 5.96 26.40
C GLU A 484 11.38 4.86 27.44
N HIS A 485 11.88 5.18 28.64
CA HIS A 485 11.96 4.12 29.63
C HIS A 485 10.59 3.73 30.18
N ILE A 486 9.66 4.69 30.30
CA ILE A 486 8.32 4.37 30.76
C ILE A 486 7.58 3.51 29.74
N MET A 487 7.66 3.86 28.45
CA MET A 487 7.04 3.03 27.42
C MET A 487 7.75 1.70 27.27
N TYR A 488 9.05 1.65 27.52
CA TYR A 488 9.81 0.40 27.48
C TYR A 488 9.37 -0.54 28.59
N LEU A 489 9.07 -0.01 29.77
CA LEU A 489 8.52 -0.83 30.85
C LEU A 489 7.10 -1.26 30.52
N GLY A 490 6.27 -0.35 30.00
CA GLY A 490 4.88 -0.66 29.77
C GLY A 490 4.65 -1.61 28.60
N LYS A 491 5.58 -1.63 27.65
CA LYS A 491 5.50 -2.56 26.54
C LYS A 491 5.66 -4.00 27.01
N LEU A 492 6.68 -4.24 27.84
CA LEU A 492 6.89 -5.57 28.40
C LEU A 492 5.80 -5.94 29.40
N ARG A 493 5.25 -4.95 30.11
CA ARG A 493 4.16 -5.24 31.03
C ARG A 493 2.88 -5.58 30.28
N HIS A 494 2.65 -4.93 29.14
CA HIS A 494 1.43 -5.15 28.36
C HIS A 494 1.39 -6.53 27.75
N ASN A 495 2.50 -6.96 27.15
CA ASN A 495 2.64 -8.26 26.51
C ASN A 495 3.06 -9.36 27.46
N ASP A 496 2.82 -9.15 28.77
CA ASP A 496 3.07 -10.03 29.94
C ASP A 496 4.35 -10.88 29.82
N ILE A 497 5.46 -10.18 29.59
CA ILE A 497 6.78 -10.80 29.47
C ILE A 497 7.48 -10.73 30.81
N ASP A 498 8.07 -11.84 31.24
CA ASP A 498 9.03 -11.82 32.33
C ASP A 498 10.26 -11.01 31.90
N MET A 499 10.58 -9.97 32.67
CA MET A 499 11.65 -9.06 32.27
C MET A 499 13.03 -9.69 32.43
N THR A 500 13.19 -10.60 33.39
CA THR A 500 14.48 -11.26 33.60
C THR A 500 14.84 -12.19 32.45
N THR A 501 13.87 -12.86 31.85
CA THR A 501 14.11 -13.82 30.77
C THR A 501 13.98 -13.18 29.38
N VAL A 502 14.16 -11.87 29.28
CA VAL A 502 14.06 -11.20 27.98
C VAL A 502 15.32 -11.50 27.18
N ASN A 503 15.15 -12.18 26.06
CA ASN A 503 16.20 -12.33 25.06
C ASN A 503 16.20 -11.12 24.14
N THR A 504 17.35 -10.88 23.50
CA THR A 504 17.41 -9.88 22.45
C THR A 504 16.58 -10.27 21.24
N ASP A 505 16.38 -11.57 21.02
CA ASP A 505 15.60 -12.07 19.88
C ASP A 505 14.15 -11.62 19.97
N ASP A 506 13.62 -11.42 21.17
CA ASP A 506 12.26 -10.92 21.35
C ASP A 506 12.15 -9.42 21.13
N PHE A 507 13.22 -8.75 20.71
CA PHE A 507 13.09 -7.43 20.12
C PHE A 507 12.97 -7.50 18.61
N SER A 508 12.86 -8.71 18.07
CA SER A 508 12.51 -8.94 16.68
C SER A 508 11.21 -9.70 16.53
N ARG A 509 10.88 -10.58 17.47
CA ARG A 509 9.62 -11.32 17.41
C ARG A 509 8.45 -10.41 17.76
N LEU A 510 8.68 -9.41 18.61
CA LEU A 510 7.60 -8.56 19.10
C LEU A 510 7.63 -7.17 18.47
N HIS A 511 8.73 -6.78 17.83
CA HIS A 511 8.73 -5.51 17.13
C HIS A 511 7.95 -5.57 15.82
N ALA A 512 7.59 -6.76 15.36
CA ALA A 512 6.86 -6.91 14.11
C ALA A 512 5.42 -7.39 14.28
N LYS A 513 5.07 -8.01 15.40
CA LYS A 513 3.70 -8.48 15.61
C LYS A 513 2.75 -7.41 16.10
N GLU A 514 3.20 -6.14 16.18
CA GLU A 514 2.31 -5.04 16.50
C GLU A 514 2.29 -3.93 15.45
N GLU A 515 3.33 -3.82 14.62
CA GLU A 515 3.18 -3.11 13.36
C GLU A 515 2.10 -3.75 12.49
N LEU A 516 1.94 -5.07 12.59
CA LEU A 516 0.84 -5.75 11.95
C LEU A 516 -0.48 -5.45 12.65
N ASP A 517 -0.46 -5.23 13.97
CA ASP A 517 -1.72 -4.98 14.68
C ASP A 517 -2.25 -3.57 14.47
N LEU A 518 -1.38 -2.60 14.21
CA LEU A 518 -1.87 -1.29 13.77
C LEU A 518 -2.64 -1.39 12.46
N GLU A 519 -2.12 -2.17 11.51
CA GLU A 519 -2.81 -2.41 10.24
C GLU A 519 -4.07 -3.24 10.44
N LEU A 520 -4.07 -4.16 11.39
CA LEU A 520 -5.24 -4.98 11.66
C LEU A 520 -6.31 -4.26 12.48
N ILE A 521 -5.99 -3.13 13.08
CA ILE A 521 -7.02 -2.27 13.67
C ILE A 521 -7.55 -1.28 12.64
N THR A 522 -6.67 -0.74 11.79
CA THR A 522 -7.12 0.17 10.75
C THR A 522 -7.95 -0.56 9.68
N PHE A 523 -7.67 -1.84 9.44
CA PHE A 523 -8.52 -2.66 8.60
C PHE A 523 -9.81 -3.05 9.30
N PHE A 524 -9.83 -3.06 10.62
CA PHE A 524 -11.00 -3.50 11.33
C PHE A 524 -12.07 -2.42 11.41
N ALA A 525 -11.70 -1.17 11.14
CA ALA A 525 -12.61 -0.04 11.22
C ALA A 525 -12.98 0.51 9.85
N SER A 526 -12.30 0.09 8.79
CA SER A 526 -12.76 0.40 7.44
C SER A 526 -13.71 -0.65 6.91
N THR A 527 -14.00 -1.70 7.69
CA THR A 527 -15.16 -2.52 7.44
C THR A 527 -16.36 -2.02 8.20
N ASN A 528 -16.14 -1.23 9.24
CA ASN A 528 -17.23 -0.65 10.01
C ASN A 528 -17.93 0.45 9.23
N MET A 529 -17.21 1.11 8.32
CA MET A 529 -17.84 2.09 7.45
C MET A 529 -18.43 1.46 6.20
N GLU A 530 -17.83 0.39 5.68
CA GLU A 530 -18.42 -0.30 4.52
C GLU A 530 -19.70 -1.00 4.90
N LEU A 531 -19.85 -1.39 6.15
CA LEU A 531 -21.06 -2.07 6.59
C LEU A 531 -22.08 -1.08 7.15
N ASN A 532 -21.77 0.22 7.10
CA ASN A 532 -22.75 1.28 7.32
C ASN A 532 -23.37 1.80 6.04
N LYS A 533 -22.77 1.52 4.88
CA LYS A 533 -23.44 1.80 3.62
C LYS A 533 -24.48 0.74 3.29
N ILE A 534 -24.47 -0.38 4.01
CA ILE A 534 -25.49 -1.41 3.81
C ILE A 534 -26.65 -1.22 4.76
N PHE A 535 -26.37 -0.88 6.01
CA PHE A 535 -27.38 -0.85 7.05
C PHE A 535 -27.55 0.55 7.61
N SER A 536 -28.58 0.69 8.43
CA SER A 536 -28.78 1.84 9.30
C SER A 536 -29.62 1.38 10.48
N ARG A 537 -30.03 2.32 11.33
CA ARG A 537 -30.89 1.99 12.44
C ARG A 537 -32.35 1.89 11.98
N GLU A 538 -33.24 1.63 12.94
CA GLU A 538 -34.65 1.47 12.61
C GLU A 538 -35.31 2.79 12.25
N ASN A 539 -34.80 3.90 12.76
CA ASN A 539 -35.40 5.21 12.56
C ASN A 539 -34.64 6.02 11.52
N ILE A 540 -35.38 6.88 10.83
CA ILE A 540 -34.83 7.62 9.69
C ILE A 540 -33.93 8.76 10.15
N ASN A 541 -34.20 9.32 11.33
CA ASN A 541 -33.50 10.54 11.78
C ASN A 541 -32.03 10.32 12.12
N ASN A 542 -31.62 9.07 12.34
CA ASN A 542 -30.22 8.76 12.60
C ASN A 542 -29.50 8.60 11.26
N ASP A 543 -28.60 9.53 10.96
CA ASP A 543 -27.80 9.50 9.75
C ASP A 543 -26.31 9.40 10.10
N GLU A 544 -26.00 8.69 11.18
CA GLU A 544 -24.63 8.55 11.66
C GLU A 544 -24.20 7.08 11.53
N ASN A 545 -23.02 6.81 12.04
CA ASN A 545 -22.39 5.50 11.94
C ASN A 545 -22.72 4.61 13.13
N ILE A 546 -22.65 3.30 12.89
CA ILE A 546 -22.89 2.31 13.91
C ILE A 546 -21.53 1.73 14.28
N ASP A 547 -21.42 1.19 15.48
CA ASP A 547 -20.25 0.43 15.90
C ASP A 547 -20.73 -1.02 16.06
N PHE A 548 -20.64 -1.79 14.98
CA PHE A 548 -21.08 -3.18 15.01
C PHE A 548 -20.19 -4.03 15.90
N PHE A 549 -18.92 -3.63 16.04
CA PHE A 549 -17.87 -4.38 16.71
C PHE A 549 -17.59 -3.68 18.04
N GLY A 550 -18.30 -4.11 19.08
CA GLY A 550 -18.27 -3.44 20.36
C GLY A 550 -19.61 -3.50 21.06
N GLY A 551 -20.16 -2.35 21.42
CA GLY A 551 -21.48 -2.30 22.02
C GLY A 551 -22.58 -2.65 21.04
N ASP A 552 -23.18 -3.83 21.21
CA ASP A 552 -24.19 -4.30 20.28
C ASP A 552 -25.55 -3.71 20.60
N ARG A 553 -26.42 -3.67 19.59
CA ARG A 553 -27.75 -3.10 19.74
C ARG A 553 -28.68 -3.75 18.72
N GLU A 554 -29.93 -3.91 19.11
CA GLU A 554 -30.96 -4.44 18.21
C GLU A 554 -31.50 -3.30 17.35
N LYS A 555 -32.53 -3.62 16.55
CA LYS A 555 -33.20 -2.71 15.61
C LYS A 555 -32.20 -2.12 14.61
N ASN A 556 -31.59 -3.02 13.84
CA ASN A 556 -30.49 -2.68 12.96
C ASN A 556 -30.78 -3.28 11.60
N TYR A 557 -31.38 -2.49 10.70
CA TYR A 557 -32.03 -3.05 9.52
C TYR A 557 -31.52 -2.39 8.26
N VAL A 558 -31.97 -2.96 7.13
CA VAL A 558 -31.32 -2.73 5.83
C VAL A 558 -31.63 -1.34 5.31
N LEU A 559 -30.74 -0.82 4.47
CA LEU A 559 -30.91 0.45 3.78
C LEU A 559 -31.17 0.15 2.31
N ASP A 560 -32.31 0.58 1.80
CA ASP A 560 -32.76 0.24 0.44
C ASP A 560 -32.27 1.28 -0.58
N LYS A 561 -30.97 1.53 -0.56
CA LYS A 561 -30.32 2.39 -1.53
C LYS A 561 -28.84 2.04 -1.53
N LYS A 562 -28.15 2.45 -2.60
CA LYS A 562 -26.70 2.41 -2.78
C LYS A 562 -26.13 0.99 -2.87
N ILE A 563 -26.95 -0.05 -2.80
CA ILE A 563 -26.49 -1.43 -2.77
C ILE A 563 -26.76 -2.06 -4.14
N LEU A 564 -25.78 -2.78 -4.67
CA LEU A 564 -25.83 -3.32 -6.01
C LEU A 564 -26.12 -4.81 -5.96
N ASN A 565 -26.34 -5.40 -7.14
CA ASN A 565 -26.62 -6.83 -7.22
C ASN A 565 -25.39 -7.64 -6.84
N SER A 566 -24.21 -7.21 -7.29
CA SER A 566 -22.97 -7.83 -6.84
C SER A 566 -22.75 -7.60 -5.36
N LYS A 567 -23.24 -6.48 -4.82
CA LYS A 567 -23.12 -6.23 -3.40
C LYS A 567 -24.13 -7.02 -2.60
N ILE A 568 -25.41 -6.98 -3.00
CA ILE A 568 -26.45 -7.64 -2.20
C ILE A 568 -26.38 -9.16 -2.37
N LYS A 569 -25.78 -9.65 -3.45
CA LYS A 569 -25.70 -11.08 -3.69
C LYS A 569 -24.74 -11.75 -2.72
N ILE A 570 -23.67 -11.07 -2.34
CA ILE A 570 -22.71 -11.60 -1.38
C ILE A 570 -23.33 -11.73 0.00
N ILE A 571 -24.04 -10.69 0.45
CA ILE A 571 -24.73 -10.72 1.74
C ILE A 571 -25.85 -11.75 1.74
N ARG A 572 -26.57 -11.88 0.61
CA ARG A 572 -27.63 -12.87 0.53
C ARG A 572 -27.08 -14.29 0.51
N ASP A 573 -25.88 -14.48 -0.04
CA ASP A 573 -25.25 -15.80 -0.06
C ASP A 573 -24.55 -16.14 1.25
N LEU A 574 -24.15 -15.15 2.03
CA LEU A 574 -23.54 -15.38 3.33
C LEU A 574 -24.56 -15.61 4.44
N ASP A 575 -25.84 -15.78 4.10
CA ASP A 575 -26.95 -16.00 5.03
C ASP A 575 -27.07 -14.87 6.05
N PHE A 576 -26.77 -13.65 5.63
CA PHE A 576 -27.04 -12.50 6.47
C PHE A 576 -28.49 -12.04 6.34
N ILE A 577 -29.01 -12.06 5.12
CA ILE A 577 -30.40 -11.71 4.86
C ILE A 577 -31.11 -12.90 4.22
N ASP A 578 -32.40 -13.01 4.48
CA ASP A 578 -33.28 -13.99 3.85
C ASP A 578 -34.12 -13.30 2.76
N ASN A 579 -35.12 -14.01 2.25
CA ASN A 579 -36.12 -13.39 1.40
C ASN A 579 -36.92 -12.35 2.18
N LYS A 580 -37.43 -11.35 1.44
CA LYS A 580 -38.06 -10.13 1.94
C LYS A 580 -37.12 -9.26 2.79
N ASN A 581 -35.81 -9.47 2.63
CA ASN A 581 -34.74 -8.60 3.15
C ASN A 581 -34.77 -8.43 4.67
N ASN A 582 -35.30 -9.41 5.39
CA ASN A 582 -35.22 -9.39 6.85
C ASN A 582 -33.84 -9.88 7.30
N ILE A 583 -33.56 -9.72 8.58
CA ILE A 583 -32.25 -10.01 9.14
C ILE A 583 -32.32 -11.31 9.94
N THR A 584 -31.44 -12.25 9.62
CA THR A 584 -31.35 -13.49 10.34
C THR A 584 -30.68 -13.29 11.69
N ASN A 585 -30.65 -14.34 12.50
CA ASN A 585 -30.07 -14.28 13.83
C ASN A 585 -28.61 -14.73 13.87
N ASN A 586 -27.86 -14.48 12.80
CA ASN A 586 -26.43 -14.72 12.85
C ASN A 586 -25.63 -13.47 13.22
N PHE A 587 -26.26 -12.30 13.19
CA PHE A 587 -25.68 -11.09 13.77
C PHE A 587 -25.86 -11.01 15.27
N ILE A 588 -26.32 -12.07 15.93
CA ILE A 588 -26.42 -12.09 17.39
C ILE A 588 -25.76 -13.35 17.90
N ARG A 589 -25.37 -14.25 16.99
CA ARG A 589 -24.75 -15.50 17.40
C ARG A 589 -23.52 -15.90 16.59
N LYS A 590 -23.37 -15.44 15.34
CA LYS A 590 -22.26 -15.88 14.50
C LYS A 590 -21.30 -14.74 14.17
N PHE A 591 -21.78 -13.64 13.61
CA PHE A 591 -20.86 -12.63 13.09
C PHE A 591 -20.56 -11.52 14.08
N THR A 592 -21.43 -11.31 15.07
CA THR A 592 -21.14 -10.28 16.08
C THR A 592 -20.10 -10.75 17.08
N LYS A 593 -20.36 -11.90 17.72
CA LYS A 593 -19.51 -12.38 18.81
C LYS A 593 -18.11 -12.73 18.33
N ILE A 594 -17.99 -13.30 17.12
CA ILE A 594 -16.68 -13.62 16.57
C ILE A 594 -15.99 -12.36 16.07
N GLY A 595 -16.74 -11.30 15.77
CA GLY A 595 -16.11 -10.05 15.37
C GLY A 595 -15.42 -9.34 16.52
N THR A 596 -16.13 -9.24 17.66
CA THR A 596 -15.63 -8.39 18.75
C THR A 596 -14.46 -9.03 19.49
N ASN A 597 -14.45 -10.36 19.59
CA ASN A 597 -13.39 -11.05 20.30
C ASN A 597 -12.04 -10.88 19.61
N GLU A 598 -12.04 -10.76 18.28
CA GLU A 598 -10.78 -10.60 17.57
C GLU A 598 -10.17 -9.23 17.83
N ARG A 599 -10.99 -8.18 17.84
CA ARG A 599 -10.42 -6.86 18.12
C ARG A 599 -10.09 -6.69 19.60
N ASN A 600 -10.79 -7.39 20.48
CA ASN A 600 -10.37 -7.46 21.88
C ASN A 600 -8.99 -8.08 22.00
N ARG A 601 -8.76 -9.21 21.34
CA ARG A 601 -7.46 -9.87 21.42
C ARG A 601 -6.37 -9.12 20.67
N ILE A 602 -6.72 -8.25 19.72
CA ILE A 602 -5.66 -7.46 19.08
C ILE A 602 -5.32 -6.23 19.90
N LEU A 603 -6.32 -5.52 20.42
CA LEU A 603 -6.05 -4.30 21.19
C LEU A 603 -5.46 -4.60 22.55
N HIS A 604 -6.06 -5.55 23.28
CA HIS A 604 -5.60 -5.86 24.63
C HIS A 604 -4.40 -6.79 24.64
N ALA A 605 -3.97 -7.28 23.48
CA ALA A 605 -2.86 -8.23 23.30
C ALA A 605 -3.04 -9.49 24.14
N ILE A 606 -4.26 -10.01 24.16
CA ILE A 606 -4.56 -11.21 24.94
C ILE A 606 -4.17 -12.42 24.11
N SER A 607 -3.08 -13.08 24.50
CA SER A 607 -2.62 -14.31 23.88
C SER A 607 -2.82 -15.49 24.81
N LYS A 608 -3.91 -15.46 25.59
CA LYS A 608 -4.10 -16.40 26.68
C LYS A 608 -4.43 -17.79 26.15
N GLU A 609 -5.46 -17.90 25.34
CA GLU A 609 -5.89 -19.18 24.78
C GLU A 609 -6.69 -18.91 23.52
N ARG A 610 -7.40 -19.94 23.05
CA ARG A 610 -8.47 -19.77 22.09
C ARG A 610 -9.78 -19.60 22.86
N ASP A 611 -10.72 -18.88 22.26
CA ASP A 611 -11.94 -18.41 22.93
C ASP A 611 -12.82 -19.54 23.45
N LEU A 612 -13.39 -20.32 22.54
CA LEU A 612 -14.26 -21.43 22.93
C LEU A 612 -14.37 -22.39 21.75
N GLN A 613 -14.93 -23.56 22.04
CA GLN A 613 -15.31 -24.49 20.98
C GLN A 613 -16.62 -24.10 20.32
N GLY A 614 -17.44 -23.29 21.00
CA GLY A 614 -18.66 -22.78 20.43
C GLY A 614 -18.39 -21.59 19.52
N THR A 615 -17.89 -21.87 18.33
CA THR A 615 -17.41 -20.83 17.44
C THR A 615 -17.71 -21.28 16.00
N GLN A 616 -17.06 -20.62 15.03
CA GLN A 616 -17.31 -20.91 13.63
C GLN A 616 -16.71 -22.26 13.24
N ASP A 617 -17.52 -23.31 13.31
CA ASP A 617 -17.12 -24.63 12.87
C ASP A 617 -17.18 -24.71 11.34
N ASP A 618 -16.89 -25.90 10.81
CA ASP A 618 -16.48 -25.99 9.40
C ASP A 618 -17.64 -25.77 8.44
N TYR A 619 -18.86 -26.20 8.81
CA TYR A 619 -19.99 -25.93 7.93
C TYR A 619 -20.46 -24.49 7.98
N ASN A 620 -19.96 -23.69 8.93
CA ASN A 620 -20.13 -22.25 8.86
C ASN A 620 -19.09 -21.61 7.97
N LYS A 621 -18.02 -22.34 7.64
CA LYS A 621 -16.97 -21.86 6.76
C LYS A 621 -17.15 -22.34 5.32
N VAL A 622 -17.90 -23.43 5.11
CA VAL A 622 -18.12 -23.90 3.76
C VAL A 622 -18.97 -22.93 2.95
N ILE A 623 -19.72 -22.04 3.61
CA ILE A 623 -20.45 -21.00 2.89
C ILE A 623 -19.48 -20.05 2.19
N ASN A 624 -18.43 -19.63 2.90
CA ASN A 624 -17.44 -18.78 2.28
C ASN A 624 -16.60 -19.55 1.26
N ILE A 625 -16.38 -20.86 1.52
CA ILE A 625 -15.72 -21.71 0.53
C ILE A 625 -16.54 -21.77 -0.76
N ILE A 626 -17.87 -21.85 -0.64
CA ILE A 626 -18.76 -21.90 -1.79
C ILE A 626 -18.74 -20.57 -2.55
N GLN A 627 -18.69 -19.43 -1.84
CA GLN A 627 -18.55 -18.15 -2.53
C GLN A 627 -17.23 -18.04 -3.27
N ASN A 628 -16.14 -18.58 -2.71
CA ASN A 628 -14.89 -18.55 -3.46
C ASN A 628 -14.89 -19.53 -4.62
N LEU A 629 -15.63 -20.64 -4.52
CA LEU A 629 -15.72 -21.59 -5.61
C LEU A 629 -16.50 -21.03 -6.79
N LYS A 630 -17.74 -20.62 -6.57
CA LYS A 630 -18.64 -20.25 -7.67
C LYS A 630 -18.30 -18.94 -8.37
N ILE A 631 -17.20 -18.24 -8.10
CA ILE A 631 -16.88 -17.03 -8.85
C ILE A 631 -15.64 -17.21 -9.72
N SER A 632 -14.74 -18.13 -9.37
CA SER A 632 -13.50 -18.32 -10.12
C SER A 632 -13.77 -18.92 -11.49
N ASP A 633 -12.83 -18.68 -12.41
CA ASP A 633 -12.98 -19.12 -13.79
C ASP A 633 -12.84 -20.63 -13.90
N GLU A 634 -13.63 -21.23 -14.78
CA GLU A 634 -13.52 -22.64 -15.08
C GLU A 634 -12.75 -22.84 -16.38
N GLU A 635 -11.94 -23.90 -16.43
CA GLU A 635 -11.24 -24.21 -17.68
C GLU A 635 -12.19 -24.73 -18.74
N VAL A 636 -13.31 -25.33 -18.32
CA VAL A 636 -14.39 -25.69 -19.23
C VAL A 636 -15.05 -24.43 -19.77
N SER A 637 -15.05 -23.35 -18.99
CA SER A 637 -15.58 -22.05 -19.39
C SER A 637 -14.60 -21.24 -20.23
N LYS A 638 -13.61 -21.89 -20.84
CA LYS A 638 -12.69 -21.26 -21.76
C LYS A 638 -12.95 -21.89 -23.14
N ALA A 639 -13.96 -21.36 -23.83
CA ALA A 639 -14.32 -21.75 -25.18
C ALA A 639 -13.79 -20.79 -26.21
N LEU A 640 -12.62 -20.21 -25.96
CA LEU A 640 -12.13 -19.06 -26.69
C LEU A 640 -10.68 -19.19 -27.13
N ASN A 641 -9.98 -20.21 -26.69
CA ASN A 641 -8.75 -20.64 -27.36
C ASN A 641 -9.03 -21.72 -28.39
N LEU A 642 -10.31 -21.96 -28.70
CA LEU A 642 -10.75 -22.58 -29.94
C LEU A 642 -10.28 -24.01 -30.17
N ASP A 643 -10.96 -24.98 -29.55
CA ASP A 643 -10.66 -26.40 -29.66
C ASP A 643 -10.97 -26.95 -31.06
N VAL A 644 -10.32 -26.40 -32.08
CA VAL A 644 -10.32 -26.94 -33.43
C VAL A 644 -8.87 -26.93 -33.90
N VAL A 645 -8.01 -26.29 -33.12
CA VAL A 645 -6.59 -26.23 -33.46
C VAL A 645 -5.90 -27.52 -33.01
N PHE A 646 -6.42 -28.17 -31.98
CA PHE A 646 -5.85 -29.41 -31.48
C PHE A 646 -6.87 -30.54 -31.61
N LYS A 647 -7.50 -30.63 -32.78
CA LYS A 647 -8.51 -31.66 -32.99
C LYS A 647 -7.87 -33.04 -33.13
N ASP A 648 -6.88 -33.17 -34.00
CA ASP A 648 -6.17 -34.43 -34.19
C ASP A 648 -5.04 -34.63 -33.19
N LYS A 649 -4.62 -33.57 -32.51
CA LYS A 649 -3.59 -33.64 -31.48
C LYS A 649 -4.20 -33.64 -30.08
N LYS A 650 -5.36 -34.29 -29.92
CA LYS A 650 -6.13 -34.24 -28.69
C LYS A 650 -5.61 -35.18 -27.61
N ASN A 651 -4.39 -35.68 -27.72
CA ASN A 651 -3.80 -36.49 -26.67
C ASN A 651 -2.39 -36.07 -26.28
N ILE A 652 -1.80 -35.11 -26.98
CA ILE A 652 -0.53 -34.54 -26.53
C ILE A 652 -0.75 -33.71 -25.28
N ILE A 653 -1.90 -33.05 -25.18
CA ILE A 653 -2.17 -32.30 -23.96
C ILE A 653 -2.58 -33.21 -22.81
N THR A 654 -2.93 -34.47 -23.07
CA THR A 654 -3.06 -35.41 -21.96
C THR A 654 -1.70 -35.76 -21.39
N LYS A 655 -0.68 -35.84 -22.26
CA LYS A 655 0.70 -35.96 -21.80
C LYS A 655 1.14 -34.73 -21.02
N ILE A 656 0.67 -33.55 -21.45
CA ILE A 656 0.97 -32.32 -20.72
C ILE A 656 0.30 -32.32 -19.35
N ASN A 657 -0.97 -32.73 -19.30
CA ASN A 657 -1.71 -32.76 -18.04
C ASN A 657 -1.27 -33.88 -17.12
N ASP A 658 -0.54 -34.87 -17.63
CA ASP A 658 0.02 -35.92 -16.78
C ASP A 658 1.41 -35.59 -16.25
N ILE A 659 1.90 -34.37 -16.47
CA ILE A 659 3.17 -33.95 -15.88
C ILE A 659 2.93 -33.64 -14.41
N LYS A 660 3.65 -34.33 -13.54
CA LYS A 660 3.49 -34.14 -12.11
C LYS A 660 4.27 -32.92 -11.64
N ILE A 661 3.64 -32.13 -10.78
CA ILE A 661 4.29 -31.02 -10.10
C ILE A 661 4.02 -31.15 -8.61
N SER A 662 4.90 -30.59 -7.80
CA SER A 662 4.72 -30.56 -6.36
C SER A 662 4.94 -29.13 -5.88
N GLU A 663 4.74 -28.94 -4.57
CA GLU A 663 4.57 -27.61 -3.97
C GLU A 663 5.84 -27.07 -3.36
N GLU A 664 7.00 -27.31 -3.99
CA GLU A 664 8.23 -26.75 -3.45
C GLU A 664 8.27 -25.23 -3.62
N ASN A 665 7.72 -24.72 -4.74
CA ASN A 665 7.86 -23.33 -5.20
C ASN A 665 9.31 -22.86 -5.09
N ASN A 666 10.17 -23.53 -5.86
CA ASN A 666 11.60 -23.48 -5.61
C ASN A 666 12.19 -22.13 -6.00
N ASN A 667 13.33 -21.82 -5.39
CA ASN A 667 14.07 -20.60 -5.67
C ASN A 667 14.81 -20.65 -6.99
N ASP A 668 14.75 -21.75 -7.72
CA ASP A 668 15.34 -21.85 -9.05
C ASP A 668 14.32 -21.46 -10.12
N ILE A 669 13.66 -20.34 -9.87
CA ILE A 669 12.82 -19.68 -10.86
C ILE A 669 13.22 -18.21 -11.04
N LYS A 670 13.90 -17.63 -10.06
CA LYS A 670 14.45 -16.28 -10.14
C LYS A 670 15.55 -16.16 -11.18
N TYR A 671 16.15 -17.28 -11.57
CA TYR A 671 17.37 -17.28 -12.36
C TYR A 671 17.12 -17.58 -13.83
N LEU A 672 16.10 -18.37 -14.13
CA LEU A 672 15.78 -18.63 -15.52
C LEU A 672 15.04 -17.42 -16.10
N PRO A 673 15.35 -17.02 -17.33
CA PRO A 673 14.62 -15.91 -17.94
C PRO A 673 13.17 -16.27 -18.20
N SER A 674 12.29 -15.28 -18.08
CA SER A 674 10.86 -15.50 -18.09
C SER A 674 10.36 -15.76 -19.51
N PHE A 675 9.05 -15.99 -19.63
CA PHE A 675 8.44 -16.42 -20.88
C PHE A 675 8.52 -15.35 -21.97
N SER A 676 8.69 -14.09 -21.60
CA SER A 676 8.81 -13.00 -22.55
C SER A 676 10.06 -13.08 -23.41
N LYS A 677 11.09 -13.80 -22.95
CA LYS A 677 12.30 -13.97 -23.76
C LYS A 677 12.28 -15.23 -24.59
N VAL A 678 11.64 -16.30 -24.11
CA VAL A 678 11.57 -17.53 -24.88
C VAL A 678 10.48 -17.46 -25.94
N LEU A 679 9.55 -16.51 -25.81
CA LEU A 679 8.45 -16.39 -26.79
C LEU A 679 8.87 -16.12 -28.24
N PRO A 680 9.81 -15.19 -28.56
CA PRO A 680 10.19 -15.05 -29.97
C PRO A 680 10.88 -16.27 -30.54
N GLU A 681 11.62 -17.00 -29.72
CA GLU A 681 12.29 -18.18 -30.23
C GLU A 681 11.33 -19.36 -30.40
N ILE A 682 10.28 -19.45 -29.58
CA ILE A 682 9.27 -20.49 -29.81
C ILE A 682 8.45 -20.18 -31.05
N LEU A 683 8.16 -18.90 -31.30
CA LEU A 683 7.50 -18.52 -32.56
C LEU A 683 8.39 -18.81 -33.76
N ASN A 684 9.69 -18.56 -33.63
CA ASN A 684 10.60 -18.84 -34.72
C ASN A 684 10.80 -20.35 -34.89
N LEU A 685 10.63 -21.12 -33.83
CA LEU A 685 10.69 -22.57 -33.94
C LEU A 685 9.44 -23.11 -34.63
N TYR A 686 8.29 -22.47 -34.41
CA TYR A 686 7.11 -22.79 -35.19
C TYR A 686 7.30 -22.42 -36.65
N ARG A 687 8.04 -21.35 -36.93
CA ARG A 687 8.37 -21.03 -38.31
C ARG A 687 9.70 -21.64 -38.76
N ASN A 688 10.16 -22.70 -38.10
CA ASN A 688 11.26 -23.52 -38.56
C ASN A 688 10.86 -24.93 -38.93
N ASN A 689 9.66 -25.36 -38.56
CA ASN A 689 9.22 -26.75 -38.78
C ASN A 689 8.94 -26.97 -40.26
N PRO A 690 9.60 -27.96 -40.92
CA PRO A 690 9.26 -28.31 -42.30
C PRO A 690 8.14 -29.34 -42.40
N LYS A 691 7.05 -29.12 -41.66
CA LYS A 691 5.91 -30.03 -41.70
C LYS A 691 4.59 -29.27 -41.76
N ASN A 692 4.62 -27.97 -42.02
CA ASN A 692 3.41 -27.17 -42.11
C ASN A 692 3.65 -26.04 -43.12
N GLU A 693 2.55 -25.51 -43.63
CA GLU A 693 2.53 -24.69 -44.85
C GLU A 693 1.95 -23.33 -44.55
N PRO A 694 2.10 -22.36 -45.46
CA PRO A 694 1.26 -21.16 -45.41
C PRO A 694 -0.21 -21.53 -45.56
N PHE A 695 -1.03 -20.95 -44.69
CA PHE A 695 -2.26 -21.61 -44.25
C PHE A 695 -3.42 -21.41 -45.21
N ASP A 696 -3.99 -20.20 -45.21
CA ASP A 696 -4.85 -19.77 -46.30
C ASP A 696 -4.53 -18.32 -46.64
N THR A 697 -4.29 -17.54 -45.59
CA THR A 697 -4.14 -16.09 -45.64
C THR A 697 -3.66 -15.63 -44.26
N ILE A 698 -3.53 -14.32 -44.10
CA ILE A 698 -2.95 -13.75 -42.88
C ILE A 698 -3.88 -13.80 -41.68
N GLU A 699 -5.16 -14.12 -41.86
CA GLU A 699 -6.13 -14.09 -40.78
C GLU A 699 -6.63 -15.48 -40.40
N THR A 700 -6.02 -16.53 -40.94
CA THR A 700 -6.37 -17.89 -40.57
C THR A 700 -5.55 -18.38 -39.39
N GLU A 701 -4.33 -17.89 -39.25
CA GLU A 701 -3.35 -18.42 -38.32
C GLU A 701 -3.20 -17.59 -37.06
N LYS A 702 -3.88 -16.45 -36.96
CA LYS A 702 -3.93 -15.75 -35.68
C LYS A 702 -4.72 -16.54 -34.65
N ILE A 703 -5.74 -17.27 -35.12
CA ILE A 703 -6.43 -18.27 -34.31
C ILE A 703 -5.44 -19.31 -33.78
N VAL A 704 -4.57 -19.80 -34.65
CA VAL A 704 -3.64 -20.87 -34.29
C VAL A 704 -2.59 -20.36 -33.31
N LEU A 705 -2.05 -19.16 -33.55
CA LEU A 705 -1.06 -18.61 -32.63
C LEU A 705 -1.67 -18.29 -31.27
N ASN A 706 -2.87 -17.75 -31.23
CA ASN A 706 -3.47 -17.48 -29.92
C ASN A 706 -3.96 -18.74 -29.22
N ALA A 707 -4.11 -19.85 -29.95
CA ALA A 707 -4.33 -21.12 -29.27
C ALA A 707 -3.03 -21.73 -28.78
N LEU A 708 -1.91 -21.42 -29.45
CA LEU A 708 -0.63 -22.07 -29.19
C LEU A 708 0.18 -21.39 -28.10
N ILE A 709 0.11 -20.06 -27.99
CA ILE A 709 0.91 -19.35 -27.00
C ILE A 709 0.41 -19.64 -25.59
N TYR A 710 -0.90 -19.87 -25.43
CA TYR A 710 -1.41 -20.27 -24.13
C TYR A 710 -0.96 -21.67 -23.74
N VAL A 711 -0.70 -22.55 -24.73
CA VAL A 711 -0.23 -23.88 -24.40
C VAL A 711 1.25 -23.85 -24.07
N ASN A 712 2.05 -23.07 -24.82
CA ASN A 712 3.48 -22.96 -24.52
C ASN A 712 3.74 -22.21 -23.22
N LYS A 713 2.87 -21.27 -22.85
CA LYS A 713 3.10 -20.47 -21.65
C LYS A 713 2.81 -21.25 -20.39
N GLU A 714 1.81 -22.12 -20.41
CA GLU A 714 1.53 -22.94 -19.26
C GLU A 714 2.45 -24.15 -19.19
N LEU A 715 3.03 -24.56 -20.33
CA LEU A 715 3.94 -25.69 -20.34
C LEU A 715 5.27 -25.33 -19.67
N TYR A 716 5.73 -24.09 -19.88
CA TYR A 716 7.00 -23.63 -19.34
C TYR A 716 7.03 -23.60 -17.82
N LYS A 717 5.88 -23.49 -17.16
CA LYS A 717 5.85 -23.55 -15.70
C LYS A 717 5.53 -24.94 -15.17
N LYS A 718 5.43 -25.94 -16.06
CA LYS A 718 5.31 -27.32 -15.61
C LYS A 718 6.56 -28.15 -15.89
N LEU A 719 7.39 -27.73 -16.84
CA LEU A 719 8.66 -28.39 -17.08
C LEU A 719 9.71 -28.01 -16.04
N ILE A 720 9.64 -26.79 -15.52
CA ILE A 720 10.57 -26.39 -14.47
C ILE A 720 10.18 -27.02 -13.14
N LEU A 721 8.89 -27.00 -12.81
CA LEU A 721 8.41 -27.47 -11.53
C LEU A 721 8.11 -28.97 -11.54
N GLU A 722 8.67 -29.71 -12.50
CA GLU A 722 8.42 -31.15 -12.61
C GLU A 722 9.26 -31.84 -11.54
N ASP A 723 8.62 -32.21 -10.44
CA ASP A 723 9.30 -32.53 -9.20
C ASP A 723 9.55 -34.04 -9.09
N ASP A 724 9.81 -34.50 -7.86
CA ASP A 724 10.51 -35.75 -7.56
C ASP A 724 9.69 -36.98 -8.00
N LEU A 725 10.35 -38.13 -7.96
CA LEU A 725 9.96 -39.30 -8.72
C LEU A 725 10.41 -40.56 -7.99
N GLU A 726 10.04 -41.71 -8.55
CA GLU A 726 10.28 -43.00 -7.93
C GLU A 726 11.61 -43.58 -8.42
N GLU A 727 11.86 -44.86 -8.12
CA GLU A 727 13.18 -45.46 -8.23
C GLU A 727 13.40 -46.25 -9.51
N ASN A 728 12.61 -45.98 -10.56
CA ASN A 728 12.89 -46.57 -11.87
C ASN A 728 12.63 -45.57 -13.00
N GLU A 729 12.88 -44.29 -12.72
CA GLU A 729 12.56 -43.20 -13.65
C GLU A 729 13.84 -42.83 -14.39
N SER A 730 13.90 -43.17 -15.67
CA SER A 730 15.13 -43.07 -16.45
C SER A 730 15.22 -41.78 -17.26
N LYS A 731 14.26 -41.53 -18.16
CA LYS A 731 14.26 -40.30 -18.94
C LYS A 731 13.63 -39.20 -18.10
N ASN A 732 14.45 -38.27 -17.62
CA ASN A 732 14.14 -37.46 -16.47
C ASN A 732 13.90 -35.99 -16.84
N ILE A 733 13.78 -35.16 -15.80
CA ILE A 733 13.22 -33.81 -15.84
C ILE A 733 14.13 -32.83 -16.57
N PHE A 734 13.61 -31.62 -16.83
CA PHE A 734 14.31 -30.63 -17.64
C PHE A 734 15.54 -30.05 -16.94
N LEU A 735 15.44 -29.81 -15.63
CA LEU A 735 16.48 -29.06 -14.93
C LEU A 735 17.79 -29.82 -14.80
N GLN A 736 17.78 -31.15 -14.95
CA GLN A 736 19.04 -31.88 -14.87
C GLN A 736 19.86 -31.73 -16.15
N GLU A 737 19.21 -31.57 -17.31
CA GLU A 737 19.99 -31.21 -18.49
C GLU A 737 20.49 -29.78 -18.40
N LEU A 738 19.78 -28.91 -17.69
CA LEU A 738 20.25 -27.55 -17.47
C LEU A 738 21.50 -27.53 -16.60
N LYS A 739 21.51 -28.31 -15.52
CA LYS A 739 22.69 -28.43 -14.69
C LYS A 739 23.80 -29.22 -15.38
N LYS A 740 23.45 -30.08 -16.35
CA LYS A 740 24.45 -30.78 -17.14
C LYS A 740 25.12 -29.85 -18.14
N THR A 741 24.38 -28.88 -18.67
CA THR A 741 24.97 -27.93 -19.60
C THR A 741 25.77 -26.87 -18.87
N LEU A 742 25.27 -26.41 -17.71
CA LEU A 742 26.03 -25.44 -16.92
C LEU A 742 27.23 -26.10 -16.24
N GLY A 743 26.98 -27.10 -15.39
CA GLY A 743 28.02 -27.75 -14.62
C GLY A 743 28.35 -29.15 -15.11
N ASN A 744 29.44 -29.68 -14.58
CA ASN A 744 29.94 -31.00 -14.99
C ASN A 744 29.20 -32.10 -14.24
N ILE A 745 29.73 -33.33 -14.34
CA ILE A 745 29.15 -34.48 -13.65
C ILE A 745 29.58 -34.46 -12.19
N ASP A 746 28.89 -35.27 -11.36
CA ASP A 746 29.06 -35.31 -9.90
C ASP A 746 28.87 -33.92 -9.28
N GLU A 747 27.91 -33.17 -9.84
CA GLU A 747 27.70 -31.78 -9.45
C GLU A 747 26.20 -31.46 -9.46
N ILE A 748 25.35 -32.50 -9.48
CA ILE A 748 23.91 -32.31 -9.63
C ILE A 748 23.32 -31.72 -8.36
N ASP A 749 23.70 -32.24 -7.20
CA ASP A 749 23.18 -31.74 -5.93
C ASP A 749 23.96 -30.54 -5.42
N GLU A 750 24.12 -29.52 -6.26
CA GLU A 750 24.80 -28.29 -5.88
C GLU A 750 24.23 -27.18 -6.74
N ASN A 751 24.16 -25.98 -6.17
CA ASN A 751 23.53 -24.84 -6.82
C ASN A 751 24.45 -24.30 -7.90
N ILE A 752 24.45 -24.97 -9.06
CA ILE A 752 25.22 -24.48 -10.19
C ILE A 752 24.48 -23.37 -10.92
N ILE A 753 23.14 -23.35 -10.86
CA ILE A 753 22.36 -22.31 -11.50
C ILE A 753 22.52 -21.00 -10.74
N GLU A 754 22.34 -21.06 -9.42
CA GLU A 754 22.48 -19.89 -8.55
C GLU A 754 23.90 -19.33 -8.60
N ASN A 755 24.90 -20.19 -8.41
CA ASN A 755 26.28 -19.73 -8.43
C ASN A 755 26.71 -19.30 -9.82
N TYR A 756 26.13 -19.87 -10.87
CA TYR A 756 26.53 -19.46 -12.20
C TYR A 756 25.93 -18.10 -12.56
N TYR A 757 24.70 -17.83 -12.10
CA TYR A 757 24.14 -16.49 -12.22
C TYR A 757 24.93 -15.49 -11.41
N LYS A 758 25.39 -15.89 -10.22
CA LYS A 758 26.18 -14.97 -9.40
C LYS A 758 27.54 -14.69 -10.01
N ASN A 759 28.16 -15.70 -10.64
CA ASN A 759 29.41 -15.47 -11.36
C ASN A 759 29.20 -14.59 -12.59
N ALA A 760 28.07 -14.77 -13.29
CA ALA A 760 27.75 -13.90 -14.41
C ALA A 760 27.52 -12.47 -13.96
N GLN A 761 26.93 -12.29 -12.78
CA GLN A 761 26.68 -10.94 -12.26
C GLN A 761 27.97 -10.29 -11.79
N ILE A 762 28.87 -11.08 -11.18
CA ILE A 762 30.19 -10.57 -10.79
C ILE A 762 30.99 -10.17 -12.04
N SER A 763 30.96 -11.01 -13.07
CA SER A 763 31.62 -10.67 -14.33
C SER A 763 30.97 -9.47 -15.00
N ALA A 764 29.68 -9.25 -14.76
CA ALA A 764 29.01 -8.05 -15.26
C ALA A 764 29.48 -6.81 -14.52
N SER A 765 29.70 -6.92 -13.21
CA SER A 765 30.09 -5.78 -12.40
C SER A 765 31.56 -5.41 -12.53
N LYS A 766 32.32 -6.08 -13.41
CA LYS A 766 33.72 -5.75 -13.64
C LYS A 766 33.96 -5.13 -15.00
N GLY A 767 32.90 -4.62 -15.64
CA GLY A 767 33.04 -4.00 -16.95
C GLY A 767 32.80 -4.91 -18.13
N ASN A 768 31.93 -5.90 -18.00
CA ASN A 768 31.58 -6.82 -19.09
C ASN A 768 30.06 -6.94 -19.09
N ASN A 769 29.39 -6.05 -19.81
CA ASN A 769 27.93 -5.94 -19.71
C ASN A 769 27.18 -7.12 -20.33
N LYS A 770 27.84 -7.94 -21.14
CA LYS A 770 27.15 -8.93 -21.93
C LYS A 770 26.79 -10.20 -21.16
N ALA A 771 27.29 -10.36 -19.92
CA ALA A 771 27.33 -11.67 -19.27
C ALA A 771 25.93 -12.18 -18.92
N ILE A 772 25.04 -11.29 -18.52
CA ILE A 772 23.70 -11.69 -18.10
C ILE A 772 22.88 -12.13 -19.29
N LYS A 773 23.01 -11.42 -20.42
CA LYS A 773 22.34 -11.81 -21.65
C LYS A 773 22.91 -13.11 -22.21
N LYS A 774 24.23 -13.33 -22.08
CA LYS A 774 24.83 -14.58 -22.51
C LYS A 774 24.31 -15.76 -21.69
N TYR A 775 24.19 -15.57 -20.37
CA TYR A 775 23.61 -16.59 -19.50
C TYR A 775 22.16 -16.89 -19.88
N GLN A 776 21.36 -15.85 -20.15
CA GLN A 776 19.98 -16.05 -20.55
C GLN A 776 19.87 -16.76 -21.90
N LYS A 777 20.74 -16.40 -22.85
CA LYS A 777 20.72 -17.06 -24.16
C LYS A 777 21.13 -18.52 -24.06
N LYS A 778 22.06 -18.86 -23.17
CA LYS A 778 22.42 -20.26 -22.95
C LYS A 778 21.24 -21.04 -22.36
N VAL A 779 20.54 -20.46 -21.39
CA VAL A 779 19.40 -21.15 -20.81
C VAL A 779 18.26 -21.31 -21.83
N ILE A 780 18.08 -20.30 -22.69
CA ILE A 780 17.02 -20.36 -23.70
C ILE A 780 17.32 -21.41 -24.75
N GLU A 781 18.57 -21.46 -25.24
CA GLU A 781 18.89 -22.48 -26.24
C GLU A 781 18.91 -23.88 -25.64
N CYS A 782 19.18 -24.00 -24.33
CA CYS A 782 18.99 -25.28 -23.65
C CYS A 782 17.52 -25.70 -23.64
N TYR A 783 16.61 -24.76 -23.34
CA TYR A 783 15.20 -25.10 -23.32
C TYR A 783 14.66 -25.41 -24.72
N ILE A 784 15.19 -24.71 -25.74
CA ILE A 784 14.84 -24.99 -27.12
C ILE A 784 15.30 -26.38 -27.54
N GLY A 785 16.53 -26.74 -27.18
CA GLY A 785 17.01 -28.09 -27.46
C GLY A 785 16.25 -29.17 -26.70
N TYR A 786 15.73 -28.83 -25.52
CA TYR A 786 14.88 -29.78 -24.81
C TYR A 786 13.53 -29.94 -25.46
N LEU A 787 12.99 -28.86 -26.06
CA LEU A 787 11.67 -28.96 -26.67
C LEU A 787 11.68 -29.79 -27.94
N ARG A 788 12.76 -29.69 -28.73
CA ARG A 788 12.74 -30.28 -30.06
C ARG A 788 12.86 -31.80 -30.04
N LYS A 789 13.34 -32.38 -28.94
CA LYS A 789 13.51 -33.83 -28.88
C LYS A 789 12.41 -34.54 -28.12
N ASN A 790 11.63 -33.83 -27.29
CA ASN A 790 10.51 -34.44 -26.57
C ASN A 790 9.16 -33.99 -27.12
N TYR A 791 9.15 -33.13 -28.13
CA TYR A 791 7.94 -32.53 -28.66
C TYR A 791 8.15 -32.31 -30.16
N GLU A 792 7.42 -31.34 -30.73
CA GLU A 792 7.28 -30.90 -32.12
C GLU A 792 6.27 -31.80 -32.83
N GLU A 793 5.77 -32.84 -32.16
CA GLU A 793 4.52 -33.44 -32.60
C GLU A 793 3.34 -32.51 -32.34
N LEU A 794 3.46 -31.59 -31.39
CA LEU A 794 2.44 -30.57 -31.19
C LEU A 794 2.63 -29.38 -32.12
N PHE A 795 3.81 -29.24 -32.73
CA PHE A 795 4.04 -28.23 -33.75
C PHE A 795 3.85 -28.79 -35.15
N ASP A 796 3.37 -30.02 -35.25
CA ASP A 796 3.10 -30.67 -36.53
C ASP A 796 1.73 -30.24 -37.01
N PHE A 797 1.69 -29.33 -37.98
CA PHE A 797 0.43 -28.86 -38.53
C PHE A 797 0.32 -29.16 -40.01
N SER A 798 0.62 -30.41 -40.38
CA SER A 798 0.39 -30.89 -41.73
C SER A 798 -1.11 -30.90 -42.04
N ASP A 799 -1.89 -31.56 -41.19
CA ASP A 799 -3.33 -31.58 -41.37
C ASP A 799 -3.92 -30.23 -40.99
N PHE A 800 -4.69 -29.64 -41.92
CA PHE A 800 -5.13 -28.28 -41.71
C PHE A 800 -6.38 -28.02 -42.55
N LYS A 801 -7.31 -27.23 -41.98
CA LYS A 801 -8.50 -26.76 -42.67
C LYS A 801 -8.34 -25.27 -42.92
N MET A 802 -8.34 -24.88 -44.20
CA MET A 802 -8.02 -23.50 -44.59
C MET A 802 -9.26 -22.63 -44.52
N ASN A 803 -9.74 -22.45 -43.28
CA ASN A 803 -10.93 -21.65 -42.92
C ASN A 803 -12.16 -22.12 -43.69
N ILE A 804 -12.32 -23.44 -43.80
CA ILE A 804 -13.35 -24.02 -44.65
C ILE A 804 -14.42 -24.71 -43.82
N GLN A 805 -14.04 -25.22 -42.65
CA GLN A 805 -15.01 -25.82 -41.74
C GLN A 805 -15.01 -25.17 -40.37
N GLU A 806 -13.94 -24.45 -40.02
CA GLU A 806 -13.93 -23.62 -38.82
C GLU A 806 -14.76 -22.35 -39.00
N ILE A 807 -15.34 -22.15 -40.18
CA ILE A 807 -16.55 -21.36 -40.32
C ILE A 807 -17.59 -21.82 -39.29
N LYS A 808 -17.93 -23.11 -39.34
CA LYS A 808 -19.00 -23.65 -38.51
C LYS A 808 -18.55 -24.86 -37.70
N LYS A 809 -17.26 -24.97 -37.40
CA LYS A 809 -16.82 -26.03 -36.50
C LYS A 809 -17.20 -25.70 -35.07
N GLN A 810 -16.77 -24.55 -34.57
CA GLN A 810 -17.12 -24.16 -33.21
C GLN A 810 -18.55 -23.65 -33.12
N ILE A 811 -19.14 -23.21 -34.23
CA ILE A 811 -20.57 -22.92 -34.25
C ILE A 811 -21.37 -24.19 -33.97
N LYS A 812 -20.96 -25.30 -34.58
CA LYS A 812 -21.60 -26.58 -34.31
C LYS A 812 -21.18 -27.16 -32.96
N ASP A 813 -20.02 -26.79 -32.44
CA ASP A 813 -19.60 -27.29 -31.14
C ASP A 813 -20.33 -26.59 -29.99
N ILE A 814 -20.63 -25.31 -30.16
CA ILE A 814 -21.38 -24.56 -29.14
C ILE A 814 -22.88 -24.76 -29.31
N ASN A 815 -23.36 -24.78 -30.56
CA ASN A 815 -24.79 -24.93 -30.84
C ASN A 815 -25.29 -26.32 -30.47
N ASP A 816 -24.41 -27.31 -30.47
CA ASP A 816 -24.71 -28.60 -29.85
C ASP A 816 -24.27 -28.56 -28.40
N ASN A 817 -25.08 -29.15 -27.54
CA ASN A 817 -24.76 -29.22 -26.12
C ASN A 817 -24.01 -30.51 -25.87
N LYS A 818 -23.89 -30.92 -24.60
CA LYS A 818 -23.33 -32.19 -24.10
C LYS A 818 -21.95 -32.55 -24.69
N THR A 819 -21.18 -31.56 -25.12
CA THR A 819 -19.81 -31.81 -25.55
C THR A 819 -18.96 -31.87 -24.28
N TYR A 820 -18.89 -33.06 -23.71
CA TYR A 820 -18.12 -33.25 -22.49
C TYR A 820 -16.63 -33.20 -22.76
N GLU A 821 -16.21 -33.50 -23.98
CA GLU A 821 -14.79 -33.50 -24.33
C GLU A 821 -14.33 -32.13 -24.83
N ARG A 822 -14.66 -31.09 -24.06
CA ARG A 822 -13.95 -29.83 -24.15
C ARG A 822 -12.61 -30.05 -23.47
N ILE A 823 -11.57 -30.31 -24.26
CA ILE A 823 -10.26 -30.58 -23.68
C ILE A 823 -9.63 -29.27 -23.21
N THR A 824 -9.03 -29.31 -22.02
CA THR A 824 -8.61 -28.11 -21.33
C THR A 824 -7.13 -28.18 -20.94
N VAL A 825 -6.70 -27.20 -20.15
CA VAL A 825 -5.38 -27.16 -19.54
C VAL A 825 -5.60 -26.93 -18.05
N LYS A 826 -4.93 -27.72 -17.21
CA LYS A 826 -5.35 -27.84 -15.81
C LYS A 826 -5.11 -26.58 -14.99
N THR A 827 -4.02 -25.86 -15.26
CA THR A 827 -3.74 -24.51 -14.74
C THR A 827 -3.73 -24.50 -13.21
N SER A 828 -2.64 -25.07 -12.67
CA SER A 828 -2.46 -25.31 -11.25
C SER A 828 -2.60 -24.03 -10.41
N THR A 831 -8.21 -25.86 -4.21
CA THR A 831 -8.25 -26.09 -2.77
C THR A 831 -8.24 -24.75 -2.03
N ILE A 832 -9.22 -24.57 -1.15
CA ILE A 832 -9.29 -23.40 -0.25
C ILE A 832 -9.73 -23.95 1.10
N VAL A 833 -8.85 -23.91 2.09
CA VAL A 833 -9.14 -24.45 3.41
C VAL A 833 -8.93 -23.34 4.44
N ILE A 834 -9.93 -23.11 5.28
CA ILE A 834 -9.86 -22.14 6.37
C ILE A 834 -9.73 -22.91 7.67
N ASN A 835 -8.72 -22.57 8.46
CA ASN A 835 -8.38 -23.35 9.65
C ASN A 835 -9.06 -22.83 10.92
N ASP A 836 -8.82 -21.57 11.28
CA ASP A 836 -9.38 -21.00 12.51
C ASP A 836 -10.13 -19.71 12.18
N ASP A 837 -10.66 -19.08 13.24
CA ASP A 837 -11.63 -18.00 13.08
C ASP A 837 -11.01 -16.68 12.66
N PHE A 838 -9.69 -16.52 12.87
CA PHE A 838 -9.00 -15.33 12.40
C PHE A 838 -9.01 -15.26 10.88
N GLU A 839 -8.71 -16.39 10.23
CA GLU A 839 -8.85 -16.54 8.79
C GLU A 839 -10.29 -16.32 8.35
N TYR A 840 -11.24 -16.86 9.12
CA TYR A 840 -12.66 -16.80 8.79
C TYR A 840 -13.21 -15.38 8.84
N ILE A 841 -12.67 -14.54 9.73
CA ILE A 841 -13.17 -13.18 9.81
C ILE A 841 -12.43 -12.26 8.84
N ILE A 842 -11.15 -12.54 8.54
CA ILE A 842 -10.44 -11.70 7.59
C ILE A 842 -10.89 -11.99 6.17
N SER A 843 -11.32 -13.21 5.87
CA SER A 843 -11.84 -13.51 4.54
C SER A 843 -13.17 -12.80 4.28
N ILE A 844 -14.08 -12.83 5.26
CA ILE A 844 -15.36 -12.14 5.14
C ILE A 844 -15.15 -10.63 5.05
N PHE A 845 -14.22 -10.08 5.83
CA PHE A 845 -13.90 -8.67 5.70
C PHE A 845 -13.28 -8.35 4.35
N ALA A 846 -12.51 -9.28 3.79
CA ALA A 846 -11.80 -9.01 2.55
C ALA A 846 -12.70 -9.10 1.33
N LEU A 847 -13.84 -9.78 1.44
CA LEU A 847 -14.86 -9.69 0.40
C LEU A 847 -15.90 -8.61 0.68
N LEU A 848 -15.55 -7.59 1.48
CA LEU A 848 -16.39 -6.43 1.72
C LEU A 848 -15.67 -5.09 1.54
N ASN A 849 -14.44 -5.08 1.01
CA ASN A 849 -13.68 -3.85 0.87
C ASN A 849 -13.20 -3.70 -0.57
N SER A 850 -12.56 -2.56 -0.84
CA SER A 850 -12.06 -2.27 -2.17
C SER A 850 -10.74 -2.99 -2.42
N ASN A 851 -10.37 -3.10 -3.69
CA ASN A 851 -9.23 -3.91 -4.11
C ASN A 851 -7.88 -3.29 -3.77
N ALA A 852 -7.86 -2.06 -3.24
CA ALA A 852 -6.64 -1.48 -2.71
C ALA A 852 -6.48 -1.69 -1.22
N VAL A 853 -7.58 -1.97 -0.51
CA VAL A 853 -7.50 -2.23 0.92
C VAL A 853 -6.88 -3.60 1.19
N ILE A 854 -7.07 -4.57 0.29
CA ILE A 854 -6.45 -5.88 0.50
C ILE A 854 -4.94 -5.83 0.23
N ASN A 855 -4.49 -5.04 -0.76
CA ASN A 855 -3.06 -4.77 -0.94
C ASN A 855 -2.40 -4.12 0.26
N LYS A 856 -3.15 -3.42 1.11
CA LYS A 856 -2.57 -2.86 2.31
C LYS A 856 -2.35 -3.91 3.38
N ILE A 857 -3.23 -4.92 3.48
CA ILE A 857 -3.04 -5.95 4.50
C ILE A 857 -2.49 -7.25 3.95
N ARG A 858 -2.39 -7.42 2.63
CA ARG A 858 -1.64 -8.55 2.11
C ARG A 858 -0.14 -8.32 2.26
N ASN A 859 0.31 -7.11 1.94
CA ASN A 859 1.72 -6.79 2.05
C ASN A 859 2.22 -6.77 3.49
N ARG A 860 1.32 -6.59 4.46
CA ARG A 860 1.73 -6.62 5.85
C ARG A 860 1.65 -8.01 6.48
N PHE A 861 0.85 -8.93 5.93
CA PHE A 861 1.09 -10.32 6.27
C PHE A 861 2.30 -10.88 5.55
N PHE A 862 2.72 -10.25 4.44
CA PHE A 862 3.95 -10.69 3.78
C PHE A 862 5.19 -10.23 4.53
N ALA A 863 5.35 -8.91 4.69
CA ALA A 863 6.58 -8.35 5.25
C ALA A 863 6.77 -8.69 6.74
N THR A 864 5.72 -9.15 7.43
CA THR A 864 5.88 -9.73 8.75
C THR A 864 6.44 -11.14 8.67
N SER A 865 6.00 -11.92 7.68
CA SER A 865 6.48 -13.28 7.53
C SER A 865 7.89 -13.35 6.95
N VAL A 866 8.31 -12.32 6.20
CA VAL A 866 9.71 -12.25 5.77
C VAL A 866 10.60 -11.86 6.94
N TRP A 867 10.10 -11.02 7.84
CA TRP A 867 10.88 -10.55 8.98
C TRP A 867 11.15 -11.66 9.98
N LEU A 868 10.17 -12.54 10.21
CA LEU A 868 10.32 -13.59 11.20
C LEU A 868 10.73 -14.92 10.61
N ASN A 869 10.86 -15.02 9.28
CA ASN A 869 11.24 -16.23 8.53
C ASN A 869 10.35 -17.42 8.79
N THR A 870 9.12 -17.19 9.26
CA THR A 870 8.20 -18.25 9.62
C THR A 870 7.26 -18.54 8.46
N SER A 871 6.26 -19.39 8.71
CA SER A 871 5.22 -19.62 7.72
C SER A 871 3.85 -19.69 8.38
N GLU A 872 3.65 -18.95 9.46
CA GLU A 872 2.38 -18.99 10.18
C GLU A 872 1.28 -18.27 9.41
N TYR A 873 1.62 -17.13 8.80
CA TYR A 873 0.63 -16.36 8.05
C TYR A 873 0.73 -16.71 6.56
N GLN A 874 0.52 -18.00 6.28
CA GLN A 874 0.58 -18.54 4.94
C GLN A 874 -0.78 -18.93 4.40
N ASN A 875 -1.66 -19.43 5.26
CA ASN A 875 -3.04 -19.69 4.86
C ASN A 875 -3.81 -18.39 4.61
N ILE A 876 -3.33 -17.26 5.13
CA ILE A 876 -3.98 -15.99 4.91
C ILE A 876 -3.35 -15.20 3.76
N ILE A 877 -2.10 -15.48 3.41
CA ILE A 877 -1.47 -14.68 2.36
C ILE A 877 -1.95 -15.08 0.97
N ASP A 878 -2.54 -16.26 0.83
CA ASP A 878 -3.03 -16.73 -0.47
C ASP A 878 -4.54 -16.63 -0.64
N ILE A 879 -5.31 -16.68 0.45
CA ILE A 879 -6.73 -16.35 0.37
C ILE A 879 -6.90 -14.88 -0.03
N LEU A 880 -6.02 -14.01 0.48
CA LEU A 880 -6.01 -12.65 0.00
C LEU A 880 -5.49 -12.53 -1.43
N ASP A 881 -4.70 -13.49 -1.90
CA ASP A 881 -4.22 -13.45 -3.28
C ASP A 881 -5.21 -14.02 -4.29
N GLU A 882 -6.18 -14.81 -3.85
CA GLU A 882 -7.20 -15.27 -4.79
C GLU A 882 -8.41 -14.35 -4.84
N ILE A 883 -8.64 -13.54 -3.81
CA ILE A 883 -9.74 -12.59 -3.84
C ILE A 883 -9.34 -11.31 -4.58
N MET A 884 -8.06 -10.94 -4.54
CA MET A 884 -7.55 -9.87 -5.37
C MET A 884 -7.53 -10.20 -6.85
N GLN A 885 -7.69 -11.46 -7.22
CA GLN A 885 -7.65 -11.86 -8.62
C GLN A 885 -9.04 -12.01 -9.22
N LEU A 886 -10.09 -12.06 -8.39
CA LEU A 886 -11.46 -12.15 -8.87
C LEU A 886 -11.91 -10.87 -9.56
N ASN A 887 -11.25 -9.75 -9.30
CA ASN A 887 -11.53 -8.49 -9.98
C ASN A 887 -10.51 -8.21 -11.08
N CYS A 893 -23.65 -10.58 -12.71
CA CYS A 893 -24.35 -11.30 -13.77
C CYS A 893 -25.17 -10.33 -14.61
N ILE A 894 -25.53 -9.20 -14.01
CA ILE A 894 -26.34 -8.18 -14.71
C ILE A 894 -25.33 -7.29 -15.42
N THR A 895 -24.93 -7.73 -16.61
CA THR A 895 -23.97 -7.00 -17.42
C THR A 895 -24.60 -6.43 -18.69
N GLU A 896 -25.20 -7.29 -19.51
CA GLU A 896 -26.01 -6.86 -20.64
C GLU A 896 -27.30 -7.65 -20.84
N ASN A 897 -27.48 -8.80 -20.18
CA ASN A 897 -28.72 -9.55 -20.29
C ASN A 897 -29.80 -8.92 -19.41
N TRP A 898 -29.54 -8.85 -18.11
CA TRP A 898 -30.45 -8.26 -17.13
C TRP A 898 -30.06 -6.82 -16.82
N ASN A 899 -29.60 -6.10 -17.83
CA ASN A 899 -28.96 -4.81 -17.63
C ASN A 899 -29.26 -3.93 -18.84
N LEU A 900 -28.42 -2.92 -19.05
CA LEU A 900 -28.66 -1.66 -19.73
C LEU A 900 -29.39 -1.80 -21.07
N ASN A 901 -30.61 -1.25 -21.14
CA ASN A 901 -31.40 -1.35 -22.35
C ASN A 901 -31.07 -0.26 -23.36
N LEU A 902 -30.36 0.78 -22.92
CA LEU A 902 -29.91 1.98 -23.64
C LEU A 902 -31.05 2.93 -23.97
N GLU A 903 -32.29 2.52 -23.79
CA GLU A 903 -33.45 3.39 -23.87
C GLU A 903 -33.92 3.57 -22.44
N GLU A 904 -33.70 4.76 -21.90
CA GLU A 904 -33.76 4.93 -20.47
C GLU A 904 -35.13 5.37 -19.96
N PHE A 905 -36.05 5.73 -20.86
CA PHE A 905 -37.45 5.85 -20.47
C PHE A 905 -38.00 4.52 -19.95
N ILE A 906 -37.68 3.44 -20.67
CA ILE A 906 -38.43 2.19 -20.53
C ILE A 906 -38.09 1.49 -19.23
N GLN A 907 -36.80 1.46 -18.87
CA GLN A 907 -36.40 0.73 -17.67
C GLN A 907 -36.76 1.49 -16.40
N LYS A 908 -36.68 2.83 -16.43
CA LYS A 908 -37.14 3.60 -15.27
C LYS A 908 -38.63 3.43 -15.06
N MET A 909 -39.41 3.42 -16.14
CA MET A 909 -40.86 3.19 -16.03
C MET A 909 -41.15 1.78 -15.53
N LYS A 910 -40.35 0.79 -15.97
CA LYS A 910 -40.59 -0.60 -15.59
C LYS A 910 -40.28 -0.83 -14.12
N GLU A 911 -39.16 -0.29 -13.63
CA GLU A 911 -38.84 -0.44 -12.21
C GLU A 911 -39.49 0.62 -11.32
N ILE A 912 -40.21 1.59 -11.87
CA ILE A 912 -41.19 2.30 -11.06
C ILE A 912 -42.46 1.47 -10.90
N GLU A 913 -42.99 0.94 -12.00
CA GLU A 913 -44.20 0.15 -11.97
C GLU A 913 -43.99 -1.28 -11.49
N LYS A 914 -42.77 -1.65 -11.10
CA LYS A 914 -42.51 -2.99 -10.60
C LYS A 914 -42.71 -3.11 -9.10
N ASP A 915 -42.79 -1.99 -8.38
CA ASP A 915 -43.00 -2.02 -6.94
C ASP A 915 -44.48 -2.25 -6.60
N ARG A 1015 -33.18 -7.81 -11.94
CA ARG A 1015 -32.98 -6.38 -12.20
C ARG A 1015 -33.79 -5.54 -11.23
N ILE A 1016 -34.04 -6.09 -10.04
CA ILE A 1016 -34.84 -5.37 -9.05
C ILE A 1016 -34.04 -4.25 -8.41
N ILE A 1017 -32.73 -4.45 -8.21
CA ILE A 1017 -31.89 -3.48 -7.54
C ILE A 1017 -31.63 -2.21 -8.35
N PHE A 1018 -31.93 -2.23 -9.65
CA PHE A 1018 -31.70 -1.08 -10.52
C PHE A 1018 -32.76 -0.03 -10.18
N ASN A 1019 -32.46 0.76 -9.15
CA ASN A 1019 -33.36 1.80 -8.68
C ASN A 1019 -33.42 2.92 -9.70
N SER A 1020 -34.61 3.52 -9.81
CA SER A 1020 -34.82 4.59 -10.78
C SER A 1020 -34.09 5.87 -10.42
N ASP A 1021 -33.69 6.03 -9.15
CA ASP A 1021 -32.96 7.21 -8.72
C ASP A 1021 -31.58 7.27 -9.36
N PHE A 1022 -30.86 6.16 -9.36
CA PHE A 1022 -29.51 6.13 -9.91
C PHE A 1022 -29.55 6.20 -11.43
N LEU A 1023 -30.58 5.60 -12.02
CA LEU A 1023 -30.79 5.71 -13.46
C LEU A 1023 -31.09 7.15 -13.86
N LYS A 1024 -31.88 7.86 -13.04
CA LYS A 1024 -32.17 9.26 -13.34
C LYS A 1024 -30.95 10.15 -13.09
N LYS A 1025 -30.11 9.82 -12.11
CA LYS A 1025 -28.86 10.55 -11.90
C LYS A 1025 -27.90 10.38 -13.07
N TYR A 1026 -27.73 9.14 -13.52
CA TYR A 1026 -26.90 8.83 -14.68
C TYR A 1026 -27.43 9.53 -15.93
N LYS A 1027 -28.74 9.47 -16.13
CA LYS A 1027 -29.43 10.19 -17.19
C LYS A 1027 -29.17 11.69 -17.12
N LYS A 1028 -29.30 12.28 -15.93
CA LYS A 1028 -29.18 13.71 -15.76
C LYS A 1028 -27.75 14.18 -16.02
N GLU A 1029 -26.76 13.40 -15.58
CA GLU A 1029 -25.38 13.83 -15.77
C GLU A 1029 -24.95 13.69 -17.23
N ILE A 1030 -25.42 12.65 -17.92
CA ILE A 1030 -25.10 12.55 -19.34
C ILE A 1030 -25.82 13.64 -20.13
N ASP A 1031 -27.05 13.99 -19.71
CA ASP A 1031 -27.76 15.09 -20.36
C ASP A 1031 -27.09 16.43 -20.11
N ASN A 1032 -26.49 16.60 -18.93
CA ASN A 1032 -25.73 17.82 -18.65
C ASN A 1032 -24.48 17.87 -19.52
N LEU A 1033 -23.87 16.72 -19.79
CA LEU A 1033 -22.70 16.73 -20.66
C LEU A 1033 -23.05 16.98 -22.12
N ILE A 1034 -24.11 16.34 -22.62
CA ILE A 1034 -24.32 16.33 -24.07
C ILE A 1034 -25.14 17.51 -24.57
N GLU A 1035 -25.84 18.23 -23.68
CA GLU A 1035 -26.69 19.33 -24.12
C GLU A 1035 -25.83 20.48 -24.61
N ASP A 1036 -25.88 20.75 -25.91
CA ASP A 1036 -25.10 21.82 -26.50
C ASP A 1036 -25.71 23.17 -26.13
N MET A 1037 -25.13 23.81 -25.12
CA MET A 1037 -25.41 25.23 -24.91
C MET A 1037 -24.95 26.05 -26.09
N GLU A 1038 -23.81 25.69 -26.67
CA GLU A 1038 -23.42 26.18 -27.99
C GLU A 1038 -24.16 25.33 -29.02
N SER A 1039 -25.44 25.68 -29.22
CA SER A 1039 -26.33 24.91 -30.08
C SER A 1039 -26.00 25.25 -31.54
N GLU A 1040 -25.05 24.50 -32.09
CA GLU A 1040 -24.54 24.72 -33.43
C GLU A 1040 -24.18 23.36 -34.01
N ASN A 1041 -23.38 23.35 -35.08
CA ASN A 1041 -22.91 22.11 -35.68
C ASN A 1041 -21.85 21.51 -34.77
N GLU A 1042 -22.31 20.86 -33.71
CA GLU A 1042 -21.41 20.35 -32.67
C GLU A 1042 -22.08 19.15 -32.03
N ASN A 1043 -21.60 17.96 -32.37
CA ASN A 1043 -22.05 16.70 -31.79
C ASN A 1043 -20.84 15.85 -31.42
N LYS A 1044 -19.89 16.47 -30.71
CA LYS A 1044 -18.57 15.88 -30.52
C LYS A 1044 -18.58 14.66 -29.61
N PHE A 1045 -19.62 14.47 -28.80
CA PHE A 1045 -19.70 13.28 -27.96
C PHE A 1045 -20.40 12.11 -28.67
N GLN A 1046 -20.42 12.10 -29.99
CA GLN A 1046 -21.05 10.99 -30.72
C GLN A 1046 -20.14 9.78 -30.69
N GLU A 1047 -20.77 8.60 -30.55
CA GLU A 1047 -20.19 7.26 -30.37
C GLU A 1047 -19.46 7.10 -29.03
N ILE A 1048 -19.41 8.13 -28.20
CA ILE A 1048 -18.82 8.04 -26.87
C ILE A 1048 -19.90 7.82 -25.83
N TYR A 1049 -20.92 8.68 -25.80
CA TYR A 1049 -22.04 8.52 -24.88
C TYR A 1049 -23.33 8.07 -25.56
N TYR A 1050 -23.46 8.24 -26.88
CA TYR A 1050 -24.68 7.84 -27.58
C TYR A 1050 -24.37 7.26 -28.95
N PRO A 1051 -25.14 6.25 -29.39
CA PRO A 1051 -24.90 5.60 -30.70
C PRO A 1051 -25.64 6.27 -31.86
N LYS A 1052 -25.16 7.45 -32.25
CA LYS A 1052 -25.55 8.20 -33.45
C LYS A 1052 -27.02 8.64 -33.47
N GLU A 1053 -27.73 8.56 -32.34
CA GLU A 1053 -29.04 9.19 -32.19
C GLU A 1053 -29.22 9.59 -30.72
N ARG A 1054 -28.98 10.87 -30.45
CA ARG A 1054 -28.87 11.43 -29.11
C ARG A 1054 -30.23 11.96 -28.64
N LYS A 1055 -30.19 12.78 -27.58
CA LYS A 1055 -31.32 13.54 -27.05
C LYS A 1055 -32.45 12.61 -26.62
N ASN A 1056 -32.16 11.88 -25.53
CA ASN A 1056 -33.09 11.14 -24.68
C ASN A 1056 -33.48 9.83 -25.35
N GLU A 1057 -32.93 9.52 -26.53
CA GLU A 1057 -33.21 8.22 -27.14
C GLU A 1057 -32.28 7.13 -26.60
N LEU A 1058 -30.98 7.27 -26.85
CA LEU A 1058 -30.04 6.19 -26.59
C LEU A 1058 -28.78 6.69 -25.88
N TYR A 1059 -28.26 5.88 -24.95
CA TYR A 1059 -27.15 6.27 -24.09
C TYR A 1059 -26.21 5.09 -23.88
N ILE A 1060 -24.92 5.29 -24.20
CA ILE A 1060 -23.93 4.22 -24.08
C ILE A 1060 -23.58 3.98 -22.61
N TYR A 1061 -23.41 2.71 -22.25
CA TYR A 1061 -22.96 2.33 -20.91
C TYR A 1061 -21.56 2.87 -20.63
N LYS A 1062 -21.38 3.39 -19.43
CA LYS A 1062 -20.07 3.79 -18.91
C LYS A 1062 -19.96 3.30 -17.48
N LYS A 1063 -18.81 2.71 -17.14
CA LYS A 1063 -18.68 2.07 -15.84
C LYS A 1063 -17.96 2.95 -14.82
N ASN A 1064 -17.21 3.95 -15.25
CA ASN A 1064 -16.64 4.91 -14.31
C ASN A 1064 -17.56 6.09 -14.05
N LEU A 1065 -18.80 6.04 -14.54
CA LEU A 1065 -19.85 6.91 -14.06
C LEU A 1065 -20.87 6.13 -13.25
N PHE A 1066 -21.22 4.92 -13.70
CA PHE A 1066 -22.23 4.13 -13.02
C PHE A 1066 -21.73 3.57 -11.70
N LEU A 1067 -20.42 3.43 -11.51
CA LEU A 1067 -19.87 2.98 -10.25
C LEU A 1067 -19.47 4.15 -9.35
N ASN A 1068 -19.93 5.35 -9.68
CA ASN A 1068 -19.84 6.48 -8.78
C ASN A 1068 -21.18 7.15 -8.51
N ILE A 1069 -22.20 6.88 -9.32
CA ILE A 1069 -23.57 7.12 -8.92
C ILE A 1069 -23.92 6.06 -7.89
N GLY A 1070 -23.99 6.43 -6.62
CA GLY A 1070 -24.29 5.43 -5.62
C GLY A 1070 -23.54 5.63 -4.33
N ASN A 1071 -22.33 6.16 -4.38
CA ASN A 1071 -21.74 6.50 -3.11
C ASN A 1071 -22.33 7.81 -2.60
N PRO A 1072 -22.48 7.98 -1.28
CA PRO A 1072 -23.20 9.15 -0.76
C PRO A 1072 -22.40 10.45 -0.79
N ASN A 1073 -21.29 10.53 -1.51
CA ASN A 1073 -20.49 11.74 -1.57
C ASN A 1073 -20.27 12.24 -2.99
N PHE A 1074 -20.97 11.67 -3.99
CA PHE A 1074 -20.59 11.80 -5.40
C PHE A 1074 -20.52 13.23 -5.90
N ASP A 1075 -21.49 14.07 -5.51
CA ASP A 1075 -21.59 15.38 -6.13
C ASP A 1075 -20.55 16.35 -5.59
N LYS A 1076 -19.95 16.05 -4.44
CA LYS A 1076 -18.83 16.84 -3.95
C LYS A 1076 -17.55 16.53 -4.70
N ILE A 1077 -17.27 15.23 -4.93
CA ILE A 1077 -16.10 14.83 -5.70
C ILE A 1077 -16.22 15.26 -7.15
N TYR A 1078 -17.42 15.12 -7.73
CA TYR A 1078 -17.61 15.30 -9.16
C TYR A 1078 -17.50 16.75 -9.60
N GLY A 1079 -17.64 17.72 -8.68
CA GLY A 1079 -17.80 19.10 -9.07
C GLY A 1079 -16.57 19.77 -9.64
N LEU A 1080 -15.38 19.24 -9.37
CA LEU A 1080 -14.15 19.90 -9.79
C LEU A 1080 -13.46 19.22 -10.96
N ILE A 1081 -14.18 18.41 -11.74
CA ILE A 1081 -13.64 17.87 -12.98
C ILE A 1081 -14.63 18.06 -14.13
N SER A 1082 -15.88 18.37 -13.81
CA SER A 1082 -16.96 18.31 -14.80
C SER A 1082 -16.82 19.40 -15.86
N ASN A 1083 -16.40 20.61 -15.46
CA ASN A 1083 -16.13 21.64 -16.44
C ASN A 1083 -14.91 21.29 -17.30
N ASP A 1084 -13.96 20.55 -16.74
CA ASP A 1084 -12.82 20.10 -17.53
C ASP A 1084 -13.23 18.99 -18.50
N ILE A 1085 -14.25 18.20 -18.14
CA ILE A 1085 -14.76 17.19 -19.05
C ILE A 1085 -15.50 17.85 -20.21
N LYS A 1086 -16.40 18.79 -19.90
CA LYS A 1086 -17.28 19.37 -20.90
C LYS A 1086 -16.60 20.39 -21.81
N MET A 1087 -15.28 20.52 -21.78
CA MET A 1087 -14.58 21.44 -22.66
C MET A 1087 -13.50 20.79 -23.50
N ALA A 1088 -13.34 19.47 -23.42
CA ALA A 1088 -12.34 18.77 -24.22
C ALA A 1088 -12.96 18.31 -25.55
N ASP A 1089 -12.17 18.42 -26.61
CA ASP A 1089 -12.68 18.17 -27.96
C ASP A 1089 -12.78 16.67 -28.23
N ALA A 1090 -13.20 16.36 -29.46
CA ALA A 1090 -13.22 15.00 -29.97
C ALA A 1090 -12.23 14.93 -31.12
N LYS A 1091 -10.98 14.72 -30.78
CA LYS A 1091 -9.93 14.50 -31.77
C LYS A 1091 -9.68 13.00 -31.94
N PHE A 1092 -10.45 12.18 -31.23
CA PHE A 1092 -10.30 10.72 -31.24
C PHE A 1092 -10.56 10.09 -32.59
N LEU A 1093 -11.80 10.16 -33.04
CA LEU A 1093 -12.25 9.42 -34.21
C LEU A 1093 -12.78 10.34 -35.30
N PHE A 1094 -12.74 11.65 -35.08
CA PHE A 1094 -13.33 12.58 -36.01
C PHE A 1094 -12.42 12.88 -37.18
N ASN A 1095 -11.14 12.50 -37.10
CA ASN A 1095 -10.18 12.89 -38.11
C ASN A 1095 -9.10 11.83 -38.23
N ILE A 1096 -8.22 12.01 -39.22
CA ILE A 1096 -7.11 11.10 -39.46
C ILE A 1096 -6.10 11.19 -38.34
N ASP A 1097 -5.95 12.36 -37.73
CA ASP A 1097 -4.95 12.62 -36.70
C ASP A 1097 -5.35 12.11 -35.33
N GLY A 1098 -6.32 11.21 -35.23
CA GLY A 1098 -6.62 10.55 -33.98
C GLY A 1098 -6.81 9.07 -34.18
N LYS A 1099 -6.83 8.63 -35.43
CA LYS A 1099 -6.77 7.21 -35.75
C LYS A 1099 -5.40 6.78 -36.25
N ASN A 1100 -4.56 7.73 -36.67
CA ASN A 1100 -3.14 7.44 -36.83
C ASN A 1100 -2.46 7.27 -35.48
N ILE A 1101 -3.07 7.76 -34.40
CA ILE A 1101 -2.56 7.56 -33.05
C ILE A 1101 -3.00 6.21 -32.49
N ARG A 1102 -4.25 5.80 -32.74
CA ARG A 1102 -4.70 4.51 -32.23
C ARG A 1102 -4.15 3.32 -33.00
N LYS A 1103 -3.44 3.55 -34.10
CA LYS A 1103 -2.93 2.44 -34.91
C LYS A 1103 -1.42 2.42 -35.04
N ASN A 1104 -0.78 3.57 -35.23
CA ASN A 1104 0.59 3.56 -35.70
C ASN A 1104 1.58 4.20 -34.74
N LYS A 1105 1.28 5.40 -34.22
CA LYS A 1105 2.34 6.16 -33.56
C LYS A 1105 2.58 5.73 -32.12
N ILE A 1106 1.58 5.17 -31.44
CA ILE A 1106 1.80 4.63 -30.10
C ILE A 1106 2.76 3.46 -30.16
N SER A 1107 2.60 2.57 -31.15
CA SER A 1107 3.50 1.45 -31.31
C SER A 1107 4.90 1.88 -31.73
N GLU A 1108 5.01 2.96 -32.50
CA GLU A 1108 6.34 3.47 -32.86
C GLU A 1108 7.06 4.06 -31.67
N ILE A 1109 6.33 4.78 -30.81
CA ILE A 1109 6.97 5.33 -29.61
C ILE A 1109 7.31 4.21 -28.62
N ASP A 1110 6.51 3.16 -28.55
CA ASP A 1110 6.87 2.02 -27.72
C ASP A 1110 8.07 1.26 -28.28
N ALA A 1111 8.20 1.20 -29.60
CA ALA A 1111 9.36 0.55 -30.21
C ALA A 1111 10.63 1.35 -29.99
N ILE A 1112 10.53 2.69 -30.00
CA ILE A 1112 11.69 3.50 -29.68
C ILE A 1112 12.05 3.37 -28.20
N LEU A 1113 11.05 3.29 -27.33
CA LEU A 1113 11.30 3.07 -25.91
C LEU A 1113 11.48 1.60 -25.55
N LYS A 1114 11.66 0.73 -26.53
CA LYS A 1114 12.04 -0.65 -26.27
C LYS A 1114 13.39 -1.00 -26.88
N ASN A 1115 13.91 -0.19 -27.79
CA ASN A 1115 15.26 -0.35 -28.31
C ASN A 1115 16.28 0.48 -27.55
N LEU A 1116 15.88 1.14 -26.47
CA LEU A 1116 16.82 1.76 -25.54
C LEU A 1116 16.83 1.12 -24.16
N ASN A 1117 15.76 0.46 -23.76
CA ASN A 1117 15.76 -0.29 -22.51
C ASN A 1117 16.50 -1.62 -22.61
N ASP A 1118 16.95 -2.00 -23.81
CA ASP A 1118 17.85 -3.12 -23.98
C ASP A 1118 19.26 -2.70 -24.37
N LYS A 1119 19.42 -1.51 -24.93
CA LYS A 1119 20.75 -0.99 -25.23
C LYS A 1119 21.43 -0.45 -23.98
N LEU A 1120 20.64 0.01 -23.02
CA LEU A 1120 21.15 0.73 -21.86
C LEU A 1120 20.83 0.01 -20.55
N ASN A 1121 21.01 -1.30 -20.51
CA ASN A 1121 20.94 -2.01 -19.23
C ASN A 1121 22.35 -2.27 -18.70
N GLY A 1122 22.47 -2.21 -17.38
CA GLY A 1122 23.75 -2.48 -16.73
C GLY A 1122 24.80 -1.42 -16.96
N TYR A 1123 24.41 -0.16 -17.05
CA TYR A 1123 25.33 0.97 -17.14
C TYR A 1123 25.05 1.93 -15.99
N SER A 1124 26.11 2.53 -15.47
CA SER A 1124 25.99 3.48 -14.37
C SER A 1124 25.29 4.75 -14.85
N LYS A 1125 24.71 5.48 -13.89
CA LYS A 1125 23.89 6.64 -14.23
C LYS A 1125 24.69 7.79 -14.80
N GLU A 1126 25.99 7.88 -14.53
CA GLU A 1126 26.79 8.90 -15.18
C GLU A 1126 26.90 8.65 -16.69
N TYR A 1127 27.01 7.39 -17.07
CA TYR A 1127 27.07 7.04 -18.49
C TYR A 1127 25.71 7.20 -19.15
N LYS A 1128 24.63 6.79 -18.45
CA LYS A 1128 23.30 6.97 -18.99
C LYS A 1128 22.93 8.44 -19.11
N GLU A 1129 23.41 9.30 -18.21
CA GLU A 1129 23.12 10.73 -18.34
C GLU A 1129 23.93 11.36 -19.46
N LYS A 1130 25.22 11.02 -19.57
CA LYS A 1130 26.02 11.59 -20.65
C LYS A 1130 25.65 11.03 -22.02
N TYR A 1131 24.91 9.92 -22.07
CA TYR A 1131 24.37 9.45 -23.34
C TYR A 1131 22.97 10.02 -23.61
N ILE A 1132 22.16 10.14 -22.56
CA ILE A 1132 20.79 10.61 -22.69
C ILE A 1132 20.74 12.10 -22.98
N LYS A 1133 21.82 12.83 -22.68
CA LYS A 1133 21.85 14.23 -23.08
C LYS A 1133 22.50 14.44 -24.44
N LYS A 1134 23.36 13.52 -24.87
CA LYS A 1134 23.86 13.58 -26.24
C LYS A 1134 22.80 13.16 -27.23
N LEU A 1135 21.82 12.37 -26.81
CA LEU A 1135 20.64 12.11 -27.62
C LEU A 1135 19.77 13.35 -27.85
N LYS A 1136 19.98 14.43 -27.10
CA LYS A 1136 19.22 15.66 -27.33
C LYS A 1136 19.88 16.56 -28.38
N GLU A 1137 21.19 16.75 -28.31
CA GLU A 1137 21.92 17.52 -29.30
C GLU A 1137 22.59 16.64 -30.35
N ASN A 1138 22.02 15.47 -30.63
CA ASN A 1138 22.54 14.61 -31.69
C ASN A 1138 22.23 15.19 -33.06
N ASP A 1139 23.21 15.08 -33.96
CA ASP A 1139 23.06 15.57 -35.31
C ASP A 1139 23.40 14.54 -36.37
N ASP A 1140 23.99 13.40 -36.00
CA ASP A 1140 24.20 12.31 -36.93
C ASP A 1140 23.85 10.93 -36.39
N PHE A 1141 23.82 10.73 -35.08
CA PHE A 1141 23.60 9.39 -34.52
C PHE A 1141 22.20 9.20 -33.97
N PHE A 1142 21.21 9.94 -34.46
CA PHE A 1142 19.85 9.45 -34.30
C PHE A 1142 19.42 8.62 -35.49
N ALA A 1143 20.12 8.74 -36.62
CA ALA A 1143 19.86 7.90 -37.77
C ALA A 1143 20.31 6.47 -37.55
N LYS A 1144 21.25 6.23 -36.62
CA LYS A 1144 21.55 4.87 -36.20
C LYS A 1144 20.53 4.33 -35.21
N ASN A 1145 19.65 5.19 -34.68
CA ASN A 1145 18.58 4.76 -33.80
C ASN A 1145 17.36 4.35 -34.63
N ILE A 1146 16.20 4.25 -33.99
CA ILE A 1146 15.02 3.68 -34.65
C ILE A 1146 14.43 4.68 -35.63
N GLN A 1147 14.06 5.87 -35.15
CA GLN A 1147 13.42 6.86 -35.99
C GLN A 1147 14.48 7.78 -36.60
N ASN A 1148 14.02 8.87 -37.21
CA ASN A 1148 14.89 9.86 -37.81
C ASN A 1148 14.41 11.24 -37.37
N LYS A 1149 14.99 12.31 -37.94
CA LYS A 1149 14.64 13.71 -37.66
C LYS A 1149 14.79 14.01 -36.17
N ASN A 1150 16.08 14.09 -35.78
CA ASN A 1150 16.64 13.59 -34.52
C ASN A 1150 15.78 13.65 -33.26
N TYR A 1151 15.24 14.80 -32.87
CA TYR A 1151 14.46 14.84 -31.64
C TYR A 1151 13.16 15.62 -31.75
N LYS A 1152 12.98 16.45 -32.78
CA LYS A 1152 11.72 17.16 -32.96
C LYS A 1152 10.60 16.21 -33.35
N SER A 1153 10.89 15.28 -34.27
CA SER A 1153 9.86 14.35 -34.72
C SER A 1153 9.52 13.31 -33.66
N PHE A 1154 10.37 13.11 -32.66
CA PHE A 1154 9.97 12.27 -31.56
C PHE A 1154 9.10 13.04 -30.57
N GLU A 1155 9.46 14.29 -30.29
CA GLU A 1155 8.73 15.03 -29.27
C GLU A 1155 7.36 15.49 -29.75
N LYS A 1156 7.18 15.74 -31.06
CA LYS A 1156 5.85 16.06 -31.57
C LYS A 1156 4.92 14.86 -31.46
N ASP A 1157 5.42 13.67 -31.80
CA ASP A 1157 4.61 12.47 -31.67
C ASP A 1157 4.33 12.14 -30.22
N TYR A 1158 5.27 12.44 -29.33
CA TYR A 1158 5.01 12.22 -27.91
C TYR A 1158 3.98 13.20 -27.38
N ASN A 1159 3.99 14.44 -27.88
CA ASN A 1159 2.98 15.41 -27.49
C ASN A 1159 1.60 15.03 -27.99
N ARG A 1160 1.51 14.47 -29.20
CA ARG A 1160 0.22 14.07 -29.73
C ARG A 1160 -0.36 12.86 -28.99
N VAL A 1161 0.48 11.86 -28.71
CA VAL A 1161 0.01 10.74 -27.90
C VAL A 1161 -0.30 11.19 -26.47
N SER A 1162 0.42 12.20 -25.99
CA SER A 1162 0.19 12.76 -24.67
C SER A 1162 -1.18 13.42 -24.58
N GLU A 1163 -1.55 14.23 -25.58
CA GLU A 1163 -2.85 14.86 -25.51
C GLU A 1163 -3.98 13.89 -25.84
N TYR A 1164 -3.72 12.83 -26.62
CA TYR A 1164 -4.71 11.75 -26.75
C TYR A 1164 -5.02 11.11 -25.41
N LYS A 1165 -3.98 10.80 -24.63
CA LYS A 1165 -4.23 10.20 -23.33
C LYS A 1165 -4.75 11.22 -22.32
N LYS A 1166 -4.53 12.51 -22.56
CA LYS A 1166 -5.20 13.55 -21.78
C LYS A 1166 -6.70 13.47 -21.98
N ILE A 1167 -7.16 13.44 -23.23
CA ILE A 1167 -8.59 13.51 -23.49
C ILE A 1167 -9.27 12.18 -23.13
N ARG A 1168 -8.58 11.04 -23.28
CA ARG A 1168 -9.21 9.75 -22.95
C ARG A 1168 -9.53 9.59 -21.47
N ASP A 1169 -8.81 10.29 -20.58
CA ASP A 1169 -9.00 10.05 -19.16
C ASP A 1169 -10.28 10.68 -18.65
N LEU A 1170 -10.57 11.91 -19.05
CA LEU A 1170 -11.71 12.61 -18.47
C LEU A 1170 -13.03 12.19 -19.09
N VAL A 1171 -13.07 11.91 -20.40
CA VAL A 1171 -14.33 11.49 -21.01
C VAL A 1171 -14.72 10.07 -20.61
N GLU A 1172 -13.75 9.27 -20.17
CA GLU A 1172 -14.02 7.94 -19.63
C GLU A 1172 -14.20 7.99 -18.12
N PHE A 1173 -14.02 9.18 -17.53
CA PHE A 1173 -14.08 9.45 -16.09
C PHE A 1173 -12.98 8.68 -15.35
N ASN A 1174 -11.75 8.77 -15.85
CA ASN A 1174 -10.61 8.19 -15.17
C ASN A 1174 -9.96 9.16 -14.18
N TYR A 1175 -10.72 10.13 -13.67
CA TYR A 1175 -10.30 10.90 -12.52
C TYR A 1175 -11.23 10.73 -11.35
N LEU A 1176 -12.40 10.13 -11.52
CA LEU A 1176 -13.25 9.83 -10.38
C LEU A 1176 -12.77 8.61 -9.58
N ASN A 1177 -11.76 7.90 -10.08
CA ASN A 1177 -11.15 6.81 -9.33
C ASN A 1177 -9.88 7.26 -8.61
N LYS A 1178 -9.12 8.17 -9.23
CA LYS A 1178 -7.93 8.71 -8.59
C LYS A 1178 -8.29 9.51 -7.34
N ILE A 1179 -9.40 10.26 -7.36
CA ILE A 1179 -9.78 11.06 -6.22
C ILE A 1179 -10.25 10.18 -5.07
N GLU A 1180 -11.07 9.17 -5.36
CA GLU A 1180 -11.49 8.23 -4.32
C GLU A 1180 -10.31 7.43 -3.77
N SER A 1181 -9.34 7.11 -4.64
CA SER A 1181 -8.12 6.44 -4.20
C SER A 1181 -7.33 7.31 -3.23
N TYR A 1182 -7.16 8.58 -3.58
CA TYR A 1182 -6.41 9.51 -2.73
C TYR A 1182 -7.10 9.71 -1.39
N LEU A 1183 -8.43 9.81 -1.39
CA LEU A 1183 -9.13 10.01 -0.14
C LEU A 1183 -9.05 8.78 0.77
N ILE A 1184 -9.18 7.57 0.19
CA ILE A 1184 -9.11 6.38 1.05
C ILE A 1184 -7.68 6.12 1.51
N ASP A 1185 -6.68 6.51 0.71
CA ASP A 1185 -5.29 6.35 1.14
C ASP A 1185 -4.95 7.31 2.28
N ILE A 1186 -5.38 8.57 2.18
CA ILE A 1186 -5.08 9.54 3.23
C ILE A 1186 -5.81 9.19 4.51
N ASN A 1187 -7.06 8.74 4.42
CA ASN A 1187 -7.78 8.41 5.64
C ASN A 1187 -7.22 7.15 6.30
N TRP A 1188 -6.76 6.19 5.49
CA TRP A 1188 -6.09 5.00 6.03
C TRP A 1188 -4.80 5.39 6.74
N LYS A 1189 -4.01 6.25 6.11
CA LYS A 1189 -2.70 6.62 6.64
C LYS A 1189 -2.81 7.49 7.88
N LEU A 1190 -3.91 8.22 8.06
CA LEU A 1190 -4.09 8.95 9.32
C LEU A 1190 -4.65 8.06 10.42
N ALA A 1191 -5.51 7.10 10.09
CA ALA A 1191 -6.03 6.21 11.11
C ALA A 1191 -4.96 5.26 11.66
N ILE A 1192 -3.90 5.00 10.89
CA ILE A 1192 -2.73 4.27 11.40
C ILE A 1192 -2.16 4.96 12.64
N GLN A 1193 -1.80 6.25 12.52
CA GLN A 1193 -1.19 6.95 13.64
C GLN A 1193 -2.19 7.25 14.73
N MET A 1194 -3.48 7.38 14.39
CA MET A 1194 -4.47 7.51 15.46
C MET A 1194 -4.69 6.21 16.22
N ALA A 1195 -4.34 5.06 15.65
CA ALA A 1195 -4.32 3.84 16.45
C ALA A 1195 -3.03 3.69 17.23
N ARG A 1196 -1.93 4.23 16.67
CA ARG A 1196 -0.65 4.25 17.37
C ARG A 1196 -0.73 5.02 18.68
N PHE A 1197 -1.42 6.16 18.67
CA PHE A 1197 -1.61 6.94 19.90
C PHE A 1197 -2.42 6.17 20.94
N GLU A 1198 -3.42 5.41 20.50
CA GLU A 1198 -4.21 4.61 21.44
C GLU A 1198 -3.40 3.48 22.03
N ARG A 1199 -2.41 2.98 21.28
CA ARG A 1199 -1.51 1.97 21.82
C ARG A 1199 -0.56 2.57 22.85
N ASP A 1200 0.01 3.74 22.53
CA ASP A 1200 0.92 4.40 23.47
C ASP A 1200 0.22 4.84 24.75
N MET A 1201 -1.07 5.15 24.69
CA MET A 1201 -1.78 5.44 25.93
C MET A 1201 -2.08 4.19 26.76
N HIS A 1202 -1.90 2.99 26.22
CA HIS A 1202 -1.82 1.81 27.06
C HIS A 1202 -0.43 1.65 27.66
N TYR A 1203 0.59 1.93 26.84
CA TYR A 1203 1.97 1.76 27.31
C TYR A 1203 2.30 2.72 28.44
N ILE A 1204 1.77 3.94 28.40
CA ILE A 1204 1.96 4.93 29.47
C ILE A 1204 1.39 4.43 30.79
N VAL A 1205 0.16 3.94 30.76
CA VAL A 1205 -0.52 3.53 31.98
C VAL A 1205 0.15 2.30 32.57
N ASN A 1206 0.60 1.37 31.73
CA ASN A 1206 1.28 0.19 32.27
C ASN A 1206 2.68 0.54 32.81
N GLY A 1207 3.42 1.38 32.08
CA GLY A 1207 4.75 1.78 32.52
C GLY A 1207 4.75 2.66 33.76
N LEU A 1208 3.65 3.34 34.04
CA LEU A 1208 3.55 4.08 35.29
C LEU A 1208 2.81 3.30 36.38
N ARG A 1209 2.18 2.17 36.05
CA ARG A 1209 1.73 1.30 37.13
C ARG A 1209 2.86 0.46 37.68
N GLU A 1210 3.79 0.04 36.82
CA GLU A 1210 4.98 -0.68 37.32
C GLU A 1210 5.82 0.20 38.24
N LEU A 1211 5.96 1.47 37.91
CA LEU A 1211 6.76 2.37 38.73
C LEU A 1211 6.07 2.83 40.00
N GLY A 1212 4.82 2.41 40.23
CA GLY A 1212 4.12 2.80 41.45
C GLY A 1212 3.71 4.24 41.51
N ILE A 1213 3.58 4.90 40.36
CA ILE A 1213 3.26 6.32 40.34
C ILE A 1213 1.75 6.54 40.26
N ILE A 1214 1.04 5.74 39.46
CA ILE A 1214 -0.40 5.87 39.29
C ILE A 1214 -1.09 4.63 39.86
N LYS A 1215 -0.54 4.13 40.96
CA LYS A 1215 -0.90 2.86 41.59
C LYS A 1215 -2.34 2.80 42.11
N LEU A 1216 -2.72 1.64 42.64
CA LEU A 1216 -4.08 1.29 43.05
C LEU A 1216 -5.05 1.40 41.87
N SER A 1217 -4.85 0.51 40.91
CA SER A 1217 -5.65 0.44 39.70
C SER A 1217 -6.53 -0.81 39.71
N GLY A 1218 -7.24 -1.00 38.59
CA GLY A 1218 -8.14 -2.13 38.42
C GLY A 1218 -8.55 -2.23 36.98
N TYR A 1219 -9.13 -3.39 36.62
CA TYR A 1219 -9.41 -3.73 35.23
C TYR A 1219 -10.91 -3.74 35.00
N ASN A 1220 -11.38 -2.88 34.09
CA ASN A 1220 -12.78 -2.82 33.71
C ASN A 1220 -12.95 -3.45 32.34
N THR A 1221 -13.85 -4.42 32.24
CA THR A 1221 -13.98 -5.27 31.07
C THR A 1221 -15.04 -4.70 30.14
N GLY A 1222 -14.89 -4.95 28.84
CA GLY A 1222 -15.85 -4.51 27.86
C GLY A 1222 -15.43 -3.25 27.13
N ILE A 1223 -15.31 -2.15 27.87
CA ILE A 1223 -14.77 -0.92 27.29
C ILE A 1223 -13.31 -1.13 26.97
N SER A 1224 -12.89 -0.64 25.80
CA SER A 1224 -11.57 -0.87 25.27
C SER A 1224 -10.82 0.44 25.03
N ARG A 1225 -10.93 1.36 25.98
CA ARG A 1225 -10.19 2.62 25.93
C ARG A 1225 -9.28 2.70 27.14
N ALA A 1226 -8.07 3.23 26.93
CA ALA A 1226 -7.07 3.27 27.99
C ALA A 1226 -7.45 4.23 29.10
N TYR A 1227 -7.61 5.48 28.78
CA TYR A 1227 -7.78 6.57 29.73
C TYR A 1227 -9.25 6.93 29.90
N PRO A 1228 -9.63 7.39 31.09
CA PRO A 1228 -10.98 7.92 31.28
C PRO A 1228 -11.16 9.25 30.56
N LYS A 1229 -12.41 9.50 30.15
CA LYS A 1229 -12.81 10.76 29.55
C LYS A 1229 -13.91 11.39 30.40
N ARG A 1230 -14.09 12.71 30.25
CA ARG A 1230 -15.09 13.41 31.03
C ARG A 1230 -16.52 13.22 30.52
N ASN A 1231 -16.72 12.36 29.53
CA ASN A 1231 -18.07 11.99 29.10
C ASN A 1231 -18.78 11.27 30.23
N GLY A 1232 -19.79 11.93 30.81
CA GLY A 1232 -20.42 11.41 32.00
C GLY A 1232 -19.49 11.51 33.19
N SER A 1233 -19.25 12.74 33.66
CA SER A 1233 -18.31 12.99 34.73
C SER A 1233 -18.88 12.69 36.11
N ASP A 1234 -18.18 13.15 37.15
CA ASP A 1234 -18.47 12.88 38.56
C ASP A 1234 -18.51 11.37 38.83
N GLY A 1235 -17.35 10.74 38.63
CA GLY A 1235 -17.24 9.30 38.76
C GLY A 1235 -16.66 8.69 37.51
N PHE A 1236 -16.14 9.54 36.64
CA PHE A 1236 -15.67 9.11 35.33
C PHE A 1236 -14.32 8.42 35.39
N TYR A 1237 -13.62 8.45 36.53
CA TYR A 1237 -12.34 7.77 36.62
C TYR A 1237 -12.49 6.25 36.66
N THR A 1238 -13.66 5.74 37.02
CA THR A 1238 -13.87 4.29 37.13
C THR A 1238 -14.36 3.66 35.83
N THR A 1239 -15.48 4.15 35.29
CA THR A 1239 -16.23 3.38 34.31
C THR A 1239 -15.68 3.51 32.89
N THR A 1240 -15.51 4.73 32.38
CA THR A 1240 -15.22 4.91 30.97
C THR A 1240 -13.76 4.72 30.59
N ALA A 1241 -13.17 3.61 31.03
CA ALA A 1241 -11.81 3.24 30.66
C ALA A 1241 -11.62 1.75 30.93
N TYR A 1242 -10.71 1.14 30.16
CA TYR A 1242 -10.37 -0.25 30.39
C TYR A 1242 -9.67 -0.45 31.73
N TYR A 1243 -8.90 0.54 32.16
CA TYR A 1243 -8.24 0.50 33.45
C TYR A 1243 -9.02 1.36 34.43
N LYS A 1244 -9.34 0.82 35.59
CA LYS A 1244 -9.95 1.60 36.66
C LYS A 1244 -8.87 2.25 37.49
N PHE A 1245 -9.22 3.38 38.11
CA PHE A 1245 -8.36 4.04 39.07
C PHE A 1245 -8.98 3.93 40.45
N PHE A 1246 -8.31 4.50 41.46
CA PHE A 1246 -8.77 4.40 42.84
C PHE A 1246 -9.62 5.59 43.26
N ASP A 1247 -9.05 6.80 43.20
CA ASP A 1247 -9.76 8.03 43.50
C ASP A 1247 -9.54 9.00 42.36
N GLU A 1248 -10.22 10.15 42.45
CA GLU A 1248 -10.06 11.16 41.41
C GLU A 1248 -8.70 11.84 41.49
N GLU A 1249 -8.07 11.80 42.66
CA GLU A 1249 -6.75 12.41 42.82
C GLU A 1249 -5.70 11.63 42.05
N SER A 1250 -5.86 10.31 41.92
CA SER A 1250 -4.94 9.51 41.13
C SER A 1250 -5.05 9.87 39.65
N TYR A 1251 -6.27 10.04 39.16
CA TYR A 1251 -6.46 10.47 37.77
C TYR A 1251 -5.93 11.87 37.54
N LYS A 1252 -6.10 12.76 38.52
CA LYS A 1252 -5.58 14.12 38.36
C LYS A 1252 -4.06 14.16 38.38
N LYS A 1253 -3.44 13.28 39.17
CA LYS A 1253 -1.98 13.17 39.14
C LYS A 1253 -1.51 12.60 37.81
N PHE A 1254 -2.21 11.59 37.29
CA PHE A 1254 -1.91 11.02 35.98
C PHE A 1254 -2.04 12.06 34.87
N GLU A 1255 -3.08 12.90 34.95
CA GLU A 1255 -3.29 13.94 33.96
C GLU A 1255 -2.24 15.02 34.04
N LYS A 1256 -1.78 15.33 35.27
CA LYS A 1256 -0.70 16.29 35.44
C LYS A 1256 0.61 15.77 34.85
N ILE A 1257 0.89 14.48 35.03
CA ILE A 1257 2.10 13.88 34.47
C ILE A 1257 2.06 13.88 32.95
N CYS A 1258 0.93 13.46 32.38
CA CYS A 1258 0.78 13.43 30.93
C CYS A 1258 0.81 14.84 30.33
N TYR A 1259 0.31 15.84 31.05
CA TYR A 1259 0.44 17.21 30.59
C TYR A 1259 1.87 17.68 30.69
N GLY A 1260 2.63 17.16 31.65
CA GLY A 1260 4.04 17.48 31.72
C GLY A 1260 4.83 16.91 30.55
N PHE A 1261 4.43 15.75 30.04
CA PHE A 1261 5.09 15.23 28.85
C PHE A 1261 4.59 15.89 27.56
N GLY A 1262 3.36 16.38 27.56
CA GLY A 1262 2.84 17.06 26.38
C GLY A 1262 1.59 16.42 25.83
N ILE A 1263 0.84 15.72 26.70
CA ILE A 1263 -0.37 15.01 26.30
C ILE A 1263 -1.48 15.55 27.20
N ASP A 1264 -2.30 16.46 26.66
CA ASP A 1264 -3.31 17.15 27.44
C ASP A 1264 -4.59 16.33 27.48
N LEU A 1265 -4.99 15.87 28.66
CA LEU A 1265 -6.24 15.14 28.85
C LEU A 1265 -7.31 15.99 29.52
N SER A 1266 -7.34 17.28 29.24
CA SER A 1266 -8.36 18.15 29.80
C SER A 1266 -9.64 18.06 28.99
N GLU A 1267 -10.63 18.87 29.37
CA GLU A 1267 -11.80 19.03 28.54
C GLU A 1267 -11.44 19.84 27.30
N ASN A 1268 -12.14 19.55 26.20
CA ASN A 1268 -12.10 20.12 24.85
C ASN A 1268 -10.73 20.59 24.36
N SER A 1269 -9.75 19.68 24.36
CA SER A 1269 -8.38 20.01 24.02
C SER A 1269 -7.86 19.17 22.87
N GLU A 1270 -8.61 19.13 21.77
CA GLU A 1270 -8.36 18.33 20.55
C GLU A 1270 -8.34 16.83 20.82
N ILE A 1271 -8.84 16.38 21.97
CA ILE A 1271 -9.01 14.96 22.25
C ILE A 1271 -10.44 14.74 22.69
N ASN A 1272 -10.90 15.53 23.65
CA ASN A 1272 -12.22 15.36 24.25
C ASN A 1272 -13.22 16.43 23.79
N LYS A 1273 -12.97 17.05 22.64
CA LYS A 1273 -13.98 17.86 21.98
C LYS A 1273 -15.14 16.96 21.58
N PRO A 1274 -16.41 17.47 21.58
CA PRO A 1274 -17.58 16.56 21.63
C PRO A 1274 -17.79 15.61 20.45
N GLU A 1275 -18.00 16.12 19.23
CA GLU A 1275 -18.22 15.25 18.07
C GLU A 1275 -17.61 15.91 16.85
N ASN A 1276 -16.69 15.19 16.19
CA ASN A 1276 -16.00 15.53 14.93
C ASN A 1276 -15.06 16.73 15.06
N GLU A 1277 -15.01 17.39 16.21
CA GLU A 1277 -13.93 18.31 16.53
C GLU A 1277 -12.82 17.61 17.28
N SER A 1278 -13.11 16.42 17.80
CA SER A 1278 -12.07 15.50 18.23
C SER A 1278 -11.51 14.76 17.04
N ILE A 1279 -10.19 14.58 17.04
CA ILE A 1279 -9.53 13.81 15.99
C ILE A 1279 -9.88 12.33 16.08
N ARG A 1280 -10.11 11.83 17.30
CA ARG A 1280 -10.45 10.43 17.53
C ARG A 1280 -11.78 10.00 16.91
N ASN A 1281 -12.62 10.93 16.49
CA ASN A 1281 -13.90 10.57 15.90
C ASN A 1281 -14.01 10.93 14.43
N TYR A 1282 -13.31 11.97 13.99
CA TYR A 1282 -13.33 12.35 12.60
C TYR A 1282 -12.49 11.42 11.73
N ILE A 1283 -11.52 10.72 12.30
CA ILE A 1283 -10.57 9.93 11.55
C ILE A 1283 -10.71 8.43 11.83
N SER A 1284 -10.93 8.06 13.09
CA SER A 1284 -11.20 6.66 13.39
C SER A 1284 -12.59 6.20 12.97
N HIS A 1285 -13.40 7.05 12.35
CA HIS A 1285 -14.68 6.64 11.78
C HIS A 1285 -14.78 6.90 10.29
N PHE A 1286 -13.67 7.31 9.66
CA PHE A 1286 -13.52 7.47 8.21
C PHE A 1286 -14.52 8.49 7.63
N TYR A 1287 -14.33 9.75 8.02
CA TYR A 1287 -15.12 10.84 7.48
C TYR A 1287 -14.43 11.63 6.40
N ILE A 1288 -13.18 11.30 6.04
CA ILE A 1288 -12.58 12.00 4.90
C ILE A 1288 -13.14 11.44 3.60
N VAL A 1289 -13.49 10.15 3.58
CA VAL A 1289 -14.12 9.57 2.41
C VAL A 1289 -15.64 9.68 2.46
N ARG A 1290 -16.23 9.66 3.66
CA ARG A 1290 -17.67 9.62 3.77
C ARG A 1290 -18.27 11.01 3.56
N ASN A 1291 -17.55 12.05 3.94
CA ASN A 1291 -18.05 13.42 3.83
C ASN A 1291 -16.86 14.35 3.66
N PRO A 1292 -16.36 14.51 2.44
CA PRO A 1292 -15.24 15.41 2.22
C PRO A 1292 -15.65 16.86 2.32
N PHE A 1293 -14.65 17.71 2.58
CA PHE A 1293 -14.71 19.17 2.58
C PHE A 1293 -15.64 19.75 3.64
N ALA A 1294 -16.08 18.97 4.60
CA ALA A 1294 -17.08 19.43 5.57
C ALA A 1294 -16.34 20.10 6.74
N ASP A 1295 -16.22 21.43 6.66
CA ASP A 1295 -15.76 22.34 7.71
C ASP A 1295 -14.28 22.18 8.07
N TYR A 1296 -13.53 21.34 7.35
CA TYR A 1296 -12.11 21.16 7.64
C TYR A 1296 -11.37 20.88 6.34
N SER A 1297 -10.24 21.55 6.16
CA SER A 1297 -9.34 21.18 5.08
C SER A 1297 -8.70 19.83 5.38
N ILE A 1298 -8.22 19.18 4.33
CA ILE A 1298 -7.44 17.96 4.55
C ILE A 1298 -6.08 18.31 5.15
N ALA A 1299 -5.43 19.36 4.62
CA ALA A 1299 -4.16 19.82 5.15
C ALA A 1299 -4.26 20.44 6.54
N GLU A 1300 -5.46 20.71 7.03
CA GLU A 1300 -5.68 21.20 8.37
C GLU A 1300 -5.95 20.06 9.36
N GLN A 1301 -6.01 18.82 8.87
CA GLN A 1301 -6.11 17.65 9.72
C GLN A 1301 -4.80 16.87 9.81
N ILE A 1302 -3.97 16.95 8.76
CA ILE A 1302 -2.60 16.44 8.81
C ILE A 1302 -1.81 17.14 9.90
N ASP A 1303 -2.05 18.43 10.09
CA ASP A 1303 -1.40 19.16 11.16
C ASP A 1303 -1.95 18.78 12.52
N ARG A 1304 -3.25 18.50 12.61
CA ARG A 1304 -3.83 18.14 13.89
C ARG A 1304 -3.49 16.72 14.31
N VAL A 1305 -3.04 15.86 13.39
CA VAL A 1305 -2.47 14.58 13.80
C VAL A 1305 -0.95 14.64 13.94
N SER A 1306 -0.27 15.55 13.25
CA SER A 1306 1.16 15.69 13.41
C SER A 1306 1.54 16.50 14.64
N ASN A 1307 0.55 17.10 15.32
CA ASN A 1307 0.78 17.76 16.60
C ASN A 1307 0.28 16.96 17.80
N LEU A 1308 -0.62 16.01 17.59
CA LEU A 1308 -1.00 15.10 18.66
C LEU A 1308 0.06 14.03 18.88
N LEU A 1309 0.91 13.78 17.88
CA LEU A 1309 2.05 12.87 18.01
C LEU A 1309 3.36 13.61 18.15
N SER A 1310 3.39 14.72 18.88
CA SER A 1310 4.60 15.49 19.08
C SER A 1310 5.21 15.30 20.45
N TYR A 1311 4.63 14.44 21.28
CA TYR A 1311 5.17 14.17 22.61
C TYR A 1311 6.42 13.30 22.58
N SER A 1312 6.75 12.70 21.45
CA SER A 1312 7.96 11.91 21.30
C SER A 1312 8.81 12.51 20.19
N THR A 1313 10.13 12.37 20.31
CA THR A 1313 11.01 12.93 19.30
C THR A 1313 11.26 12.00 18.13
N ARG A 1314 10.96 10.70 18.27
CA ARG A 1314 11.14 9.78 17.17
C ARG A 1314 10.01 9.85 16.17
N TYR A 1315 8.87 10.44 16.55
CA TYR A 1315 7.75 10.64 15.66
C TYR A 1315 7.83 11.95 14.90
N ASN A 1316 8.99 12.62 14.90
CA ASN A 1316 9.11 13.89 14.22
C ASN A 1316 9.12 13.68 12.72
N ASN A 1317 8.26 14.43 12.01
CA ASN A 1317 7.98 14.28 10.58
C ASN A 1317 7.56 12.86 10.21
N SER A 1318 6.86 12.18 11.11
CA SER A 1318 6.36 10.84 10.84
C SER A 1318 4.97 10.85 10.23
N THR A 1319 4.45 12.01 9.89
CA THR A 1319 3.16 12.12 9.23
C THR A 1319 3.25 12.85 7.90
N TYR A 1320 4.10 13.88 7.81
CA TYR A 1320 4.38 14.48 6.51
C TYR A 1320 5.16 13.54 5.62
N ALA A 1321 5.88 12.59 6.20
CA ALA A 1321 6.55 11.58 5.41
C ALA A 1321 5.68 10.36 5.14
N SER A 1322 4.70 10.11 6.00
CA SER A 1322 3.85 8.93 5.83
C SER A 1322 2.67 9.18 4.91
N VAL A 1323 2.15 10.40 4.90
CA VAL A 1323 0.98 10.74 4.07
C VAL A 1323 1.41 11.14 2.66
N PHE A 1324 2.48 11.90 2.52
CA PHE A 1324 2.86 12.41 1.21
C PHE A 1324 3.54 11.37 0.32
N GLU A 1325 3.66 10.10 0.74
CA GLU A 1325 4.10 9.04 -0.17
C GLU A 1325 2.97 8.47 -0.99
N VAL A 1326 1.73 8.84 -0.68
CA VAL A 1326 0.59 8.49 -1.51
C VAL A 1326 0.73 9.10 -2.89
N PHE A 1327 1.28 10.31 -2.96
CA PHE A 1327 1.26 11.09 -4.19
C PHE A 1327 2.47 10.85 -5.07
N LYS A 1328 3.41 9.98 -4.66
CA LYS A 1328 4.59 9.71 -5.48
C LYS A 1328 4.26 8.89 -6.72
N LYS A 1329 3.08 8.30 -6.76
CA LYS A 1329 2.61 7.60 -7.94
C LYS A 1329 2.34 8.57 -9.09
N ASP A 1330 2.08 9.85 -8.80
CA ASP A 1330 1.73 10.81 -9.83
C ASP A 1330 2.53 12.11 -9.85
N VAL A 1331 3.28 12.44 -8.78
CA VAL A 1331 4.19 13.59 -8.77
C VAL A 1331 5.49 13.21 -8.06
N ASN A 1332 6.56 13.92 -8.39
CA ASN A 1332 7.83 13.72 -7.69
C ASN A 1332 7.81 14.42 -6.34
N LEU A 1333 8.37 13.75 -5.34
CA LEU A 1333 8.59 14.36 -4.04
C LEU A 1333 9.98 14.97 -3.97
N ASP A 1334 10.12 16.00 -3.15
CA ASP A 1334 11.40 16.63 -2.85
C ASP A 1334 11.68 16.32 -1.38
N TYR A 1335 12.50 15.29 -1.14
CA TYR A 1335 12.68 14.76 0.20
C TYR A 1335 13.51 15.69 1.09
N ASP A 1336 14.40 16.48 0.50
CA ASP A 1336 15.21 17.41 1.26
C ASP A 1336 14.35 18.49 1.89
N GLU A 1337 13.37 18.99 1.16
CA GLU A 1337 12.40 19.92 1.72
C GLU A 1337 11.46 19.24 2.71
N LEU A 1338 11.21 17.94 2.52
CA LEU A 1338 10.20 17.26 3.33
C LEU A 1338 10.76 16.79 4.66
N LYS A 1339 12.07 16.65 4.79
CA LYS A 1339 12.64 16.32 6.10
C LYS A 1339 12.75 17.53 7.02
N LYS A 1340 12.48 18.74 6.53
CA LYS A 1340 12.65 19.96 7.30
C LYS A 1340 11.44 20.18 8.21
N LYS A 1341 11.35 21.36 8.80
CA LYS A 1341 10.27 21.71 9.72
C LYS A 1341 9.40 22.79 9.10
N PHE A 1342 8.09 22.53 9.06
CA PHE A 1342 7.13 23.44 8.46
C PHE A 1342 5.73 23.10 8.97
N LYS A 1343 4.72 23.74 8.40
CA LYS A 1343 3.33 23.44 8.67
C LYS A 1343 2.50 23.80 7.44
N LEU A 1344 1.28 23.29 7.39
CA LEU A 1344 0.45 23.40 6.20
C LEU A 1344 -0.82 24.23 6.35
N ILE A 1345 -1.30 24.46 7.58
CA ILE A 1345 -2.52 25.24 7.76
C ILE A 1345 -2.29 26.69 7.40
N GLY A 1346 -1.08 27.19 7.61
CA GLY A 1346 -0.67 28.46 7.06
C GLY A 1346 0.42 28.22 6.03
N ASN A 1347 1.43 29.11 5.98
CA ASN A 1347 2.67 28.93 5.23
C ASN A 1347 2.39 28.75 3.73
N ASN A 1348 1.91 29.83 3.13
CA ASN A 1348 1.55 29.86 1.71
C ASN A 1348 2.74 29.55 0.81
N ASP A 1349 2.43 29.02 -0.38
CA ASP A 1349 3.39 28.59 -1.40
C ASP A 1349 4.36 27.54 -0.85
N ILE A 1350 3.81 26.47 -0.29
CA ILE A 1350 4.63 25.35 0.18
C ILE A 1350 4.33 24.06 -0.57
N LEU A 1351 3.13 23.86 -1.11
CA LEU A 1351 2.79 22.66 -1.85
C LEU A 1351 3.30 22.71 -3.29
N GLU A 1352 4.03 23.77 -3.64
CA GLU A 1352 4.71 23.85 -4.92
C GLU A 1352 6.18 23.51 -4.83
N ARG A 1353 6.81 23.71 -3.68
CA ARG A 1353 8.20 23.34 -3.49
C ARG A 1353 8.35 21.98 -2.83
N LEU A 1354 7.26 21.39 -2.36
CA LEU A 1354 7.30 20.04 -1.82
C LEU A 1354 7.05 18.98 -2.88
N MET A 1355 6.30 19.28 -3.92
CA MET A 1355 6.06 18.32 -4.99
C MET A 1355 6.23 19.00 -6.35
N LYS A 1356 6.74 18.23 -7.30
CA LYS A 1356 7.19 18.68 -8.61
C LYS A 1356 6.40 17.96 -9.69
N PRO A 1357 6.40 18.47 -10.93
CA PRO A 1357 5.81 17.69 -12.03
C PRO A 1357 6.59 16.40 -12.28
N LYS A 1358 5.86 15.30 -12.36
CA LYS A 1358 6.45 13.96 -12.52
C LYS A 1358 7.10 13.86 -13.90
N LYS A 1359 8.43 13.85 -13.92
CA LYS A 1359 9.21 13.84 -15.16
C LYS A 1359 9.64 12.41 -15.43
N VAL A 1360 9.05 11.79 -16.46
CA VAL A 1360 9.10 10.34 -16.63
C VAL A 1360 9.40 9.97 -18.08
N SER A 1361 10.52 9.26 -18.27
CA SER A 1361 10.83 8.33 -19.35
C SER A 1361 12.19 7.71 -19.03
N VAL A 1362 12.68 6.85 -19.90
CA VAL A 1362 14.10 6.56 -19.96
C VAL A 1362 14.79 7.42 -20.99
N LEU A 1363 14.11 8.48 -21.44
CA LEU A 1363 14.67 9.59 -22.18
C LEU A 1363 14.43 10.88 -21.41
N GLU A 1364 13.80 10.78 -20.23
CA GLU A 1364 13.44 11.87 -19.32
C GLU A 1364 12.54 12.91 -20.01
N LEU A 1365 11.35 12.42 -20.34
CA LEU A 1365 10.24 13.23 -20.78
C LEU A 1365 9.36 13.58 -19.59
N GLU A 1366 8.36 14.43 -19.82
CA GLU A 1366 7.42 14.77 -18.78
C GLU A 1366 6.14 13.95 -18.97
N SER A 1367 5.44 13.72 -17.87
CA SER A 1367 4.26 12.87 -17.91
C SER A 1367 3.13 13.58 -18.65
N TYR A 1368 2.14 12.80 -19.08
CA TYR A 1368 1.12 13.34 -19.96
C TYR A 1368 0.08 14.14 -19.20
N ASN A 1369 -0.15 13.83 -17.93
CA ASN A 1369 -1.13 14.55 -17.13
C ASN A 1369 -0.50 15.09 -15.85
N SER A 1370 0.73 15.58 -15.92
CA SER A 1370 1.47 15.96 -14.73
C SER A 1370 0.87 17.21 -14.07
N ASP A 1371 0.68 18.27 -14.86
CA ASP A 1371 0.18 19.54 -14.34
C ASP A 1371 -1.26 19.41 -13.84
N TYR A 1372 -2.09 18.66 -14.56
CA TYR A 1372 -3.49 18.54 -14.19
C TYR A 1372 -3.65 17.77 -12.88
N ILE A 1373 -2.97 16.63 -12.74
CA ILE A 1373 -3.11 15.88 -11.50
C ILE A 1373 -2.37 16.56 -10.37
N LYS A 1374 -1.34 17.37 -10.66
CA LYS A 1374 -0.67 18.12 -9.61
C LYS A 1374 -1.56 19.21 -9.04
N ASN A 1375 -2.18 20.00 -9.92
CA ASN A 1375 -3.12 21.02 -9.47
C ASN A 1375 -4.38 20.41 -8.86
N LEU A 1376 -4.74 19.20 -9.26
CA LEU A 1376 -5.91 18.56 -8.66
C LEU A 1376 -5.59 17.97 -7.30
N ILE A 1377 -4.34 17.63 -7.05
CA ILE A 1377 -3.92 17.20 -5.72
C ILE A 1377 -3.80 18.40 -4.79
N ILE A 1378 -3.34 19.54 -5.32
CA ILE A 1378 -3.24 20.76 -4.51
C ILE A 1378 -4.63 21.26 -4.12
N GLU A 1379 -5.57 21.30 -5.08
CA GLU A 1379 -6.91 21.78 -4.79
C GLU A 1379 -7.74 20.81 -3.97
N LEU A 1380 -7.35 19.54 -3.90
CA LEU A 1380 -8.08 18.60 -3.08
C LEU A 1380 -7.75 18.76 -1.61
N LEU A 1381 -6.51 19.13 -1.30
CA LEU A 1381 -6.05 19.20 0.09
C LEU A 1381 -6.58 20.45 0.80
N THR A 1382 -6.78 21.55 0.08
CA THR A 1382 -6.98 22.85 0.69
C THR A 1382 -8.37 23.41 0.55
N LYS A 1383 -9.27 22.76 -0.18
CA LYS A 1383 -10.60 23.33 -0.39
C LYS A 1383 -11.44 23.14 0.85
N ILE A 1384 -12.08 24.21 1.31
CA ILE A 1384 -12.82 24.22 2.57
C ILE A 1384 -14.31 24.17 2.28
N GLU A 1385 -14.73 24.69 1.12
CA GLU A 1385 -16.14 24.73 0.78
C GLU A 1385 -16.68 23.35 0.43
#